data_6XUP
#
_entry.id   6XUP
#
_cell.length_a   51.798
_cell.length_b   60.872
_cell.length_c   101.718
_cell.angle_alpha   76.560
_cell.angle_beta   75.590
_cell.angle_gamma   79.390
#
_symmetry.space_group_name_H-M   'P 1'
#
loop_
_entity.id
_entity.type
_entity.pdbx_description
1 polymer 'Piwi protein'
2 polymer "5'-D(*AP*TP*CP*GP*TP*GP*GP*CP*CP*AP*CP*GP*AP*TP)-3'"
3 non-polymer 'MAGNESIUM ION'
4 non-polymer 'CHLORIDE ION'
5 non-polymer BETA-MERCAPTOETHANOL
6 non-polymer GLYCEROL
7 non-polymer 'CACODYLATE ION'
8 non-polymer 'POTASSIUM ION'
9 water water
#
loop_
_entity_poly.entity_id
_entity_poly.type
_entity_poly.pdbx_seq_one_letter_code
_entity_poly.pdbx_strand_id
1 'polypeptide(L)'
;MGSSHHHHHHSQDPMMEYKIVENGLTYRIGNGASVPISNTGELIKGLRNYGPYEVPSLKYNQIALIHNNQFSSLINQLKS
QISSKIDEVWHIHNINISEFIYDSPHFDSIKSQVDNAIDTGVDGIMLVLPEYNTPLYYKLKSYLINSIPSQFMRYDILSN
RNLTFYVDNLLVQFVSKLGGKPWILNVDPEKGSDIIIGTGATRIDNVNLFCFAMVFKKDGTMLWNEISPIVTSSEYLTYL
KSTIKKVVYGFKKSNPDWDVEKLTLHVSGKRPKMKDGETKILKETVEELKKQEMVSRDVKYAILHLNETHPFWVMGDPNN
RFHPYEGTKVKLSSKRYLLTLLQPYLKRNGLEMVTPIKPLSVEIVSDNWTSEEYYHNVHEILDEIYYLSKMNWRGFRSRN
LPVTVNYPKLVAGIIANVNRYGGYPINPEGNRSLQTNPWFL
;
A,B
2 'polydeoxyribonucleotide' (DA)(DT)(DC)(DG)(DT)(DG)(DG)(DC)(DC)(DA)(DC)(DG)(DA)(DT) R,S,P,Q
#
loop_
_chem_comp.id
_chem_comp.type
_chem_comp.name
_chem_comp.formula
BME non-polymer BETA-MERCAPTOETHANOL 'C2 H6 O S'
CAC non-polymer 'CACODYLATE ION' 'C2 H6 As O2 -1'
CL non-polymer 'CHLORIDE ION' 'Cl -1'
DA DNA linking 2'-DEOXYADENOSINE-5'-MONOPHOSPHATE 'C10 H14 N5 O6 P'
DC DNA linking 2'-DEOXYCYTIDINE-5'-MONOPHOSPHATE 'C9 H14 N3 O7 P'
DG DNA linking 2'-DEOXYGUANOSINE-5'-MONOPHOSPHATE 'C10 H14 N5 O7 P'
DT DNA linking THYMIDINE-5'-MONOPHOSPHATE 'C10 H15 N2 O8 P'
GOL non-polymer GLYCEROL 'C3 H8 O3'
K non-polymer 'POTASSIUM ION' 'K 1'
MG non-polymer 'MAGNESIUM ION' 'Mg 2'
#
# COMPACT_ATOMS: atom_id res chain seq x y z
N GLY A 24 13.52 -6.40 17.65
CA GLY A 24 13.99 -7.12 18.83
C GLY A 24 12.85 -7.86 19.56
N LEU A 25 11.81 -8.28 18.82
CA LEU A 25 10.74 -9.05 19.45
C LEU A 25 11.23 -10.48 19.72
N THR A 26 10.78 -11.07 20.81
CA THR A 26 11.28 -12.38 21.18
C THR A 26 10.15 -13.23 21.74
N TYR A 27 10.35 -14.55 21.65
CA TYR A 27 9.49 -15.53 22.28
C TYR A 27 10.05 -15.92 23.65
N ARG A 28 9.16 -15.99 24.65
CA ARG A 28 9.49 -16.52 25.96
C ARG A 28 9.28 -18.03 25.95
N ILE A 29 10.33 -18.79 26.33
CA ILE A 29 10.18 -20.22 26.46
C ILE A 29 10.44 -20.55 27.93
N GLY A 30 10.91 -21.75 28.22
CA GLY A 30 10.95 -22.21 29.59
C GLY A 30 12.08 -21.58 30.40
N ASN A 31 11.96 -21.69 31.72
CA ASN A 31 13.03 -21.28 32.67
C ASN A 31 13.45 -19.83 32.53
N GLY A 32 12.53 -18.95 32.14
CA GLY A 32 12.85 -17.54 32.03
C GLY A 32 13.58 -17.13 30.79
N ALA A 33 13.87 -18.08 29.89
CA ALA A 33 14.62 -17.77 28.69
C ALA A 33 13.72 -17.24 27.58
N SER A 34 14.34 -16.45 26.69
CA SER A 34 13.69 -15.84 25.54
C SER A 34 14.59 -16.00 24.33
N VAL A 35 13.99 -16.21 23.15
CA VAL A 35 14.77 -16.33 21.93
C VAL A 35 14.19 -15.40 20.86
N PRO A 36 15.00 -14.87 19.94
CA PRO A 36 14.47 -13.97 18.92
C PRO A 36 13.50 -14.67 17.98
N ILE A 37 12.52 -13.92 17.46
CA ILE A 37 11.58 -14.48 16.49
C ILE A 37 12.30 -14.67 15.16
N SER A 38 11.62 -15.30 14.19
CA SER A 38 12.10 -15.43 12.81
C SER A 38 13.40 -16.23 12.69
N ASN A 39 13.62 -17.23 13.54
CA ASN A 39 14.86 -18.01 13.53
C ASN A 39 14.52 -19.38 14.12
N THR A 40 14.16 -20.32 13.23
CA THR A 40 13.71 -21.62 13.72
C THR A 40 14.83 -22.36 14.43
N GLY A 41 16.05 -22.28 13.89
CA GLY A 41 17.18 -22.98 14.48
C GLY A 41 17.41 -22.59 15.93
N GLU A 42 17.42 -21.29 16.22
CA GLU A 42 17.60 -20.84 17.61
C GLU A 42 16.41 -21.23 18.50
N LEU A 43 15.20 -21.33 17.94
CA LEU A 43 14.06 -21.67 18.78
C LEU A 43 14.12 -23.13 19.21
N ILE A 44 14.50 -24.02 18.29
CA ILE A 44 14.61 -25.43 18.64
C ILE A 44 15.74 -25.65 19.62
N LYS A 45 16.86 -24.98 19.40
CA LYS A 45 17.97 -25.08 20.35
C LYS A 45 17.56 -24.52 21.71
N GLY A 46 16.83 -23.40 21.71
CA GLY A 46 16.32 -22.87 22.99
C GLY A 46 15.43 -23.86 23.73
N LEU A 47 14.49 -24.50 23.02
CA LEU A 47 13.67 -25.55 23.65
C LEU A 47 14.51 -26.67 24.24
N ARG A 48 15.51 -27.16 23.49
CA ARG A 48 16.36 -28.20 24.03
C ARG A 48 17.05 -27.76 25.32
N ASN A 49 17.56 -26.51 25.37
CA ASN A 49 18.29 -26.07 26.56
C ASN A 49 17.37 -25.72 27.73
N TYR A 50 16.20 -25.12 27.46
CA TYR A 50 15.40 -24.50 28.53
C TYR A 50 13.99 -25.05 28.67
N GLY A 51 13.53 -25.86 27.73
CA GLY A 51 12.17 -26.35 27.67
C GLY A 51 11.19 -25.33 27.11
N PRO A 52 9.96 -25.77 26.88
CA PRO A 52 8.91 -24.87 26.39
C PRO A 52 8.40 -23.99 27.53
N TYR A 53 7.61 -22.96 27.17
CA TYR A 53 7.06 -22.07 28.19
C TYR A 53 6.27 -22.84 29.24
N GLU A 54 5.43 -23.77 28.81
CA GLU A 54 4.78 -24.68 29.76
C GLU A 54 4.77 -26.12 29.27
N VAL A 55 5.33 -27.02 30.06
CA VAL A 55 5.22 -28.45 29.72
C VAL A 55 3.80 -28.91 30.06
N PRO A 56 3.12 -29.66 29.18
CA PRO A 56 1.78 -30.17 29.52
C PRO A 56 1.87 -31.09 30.73
N SER A 57 0.82 -31.09 31.53
CA SER A 57 0.71 -32.00 32.66
C SER A 57 -0.14 -33.18 32.22
N LEU A 58 0.45 -34.35 32.10
CA LEU A 58 -0.22 -35.50 31.53
C LEU A 58 -0.83 -36.34 32.65
N LYS A 59 -1.88 -37.08 32.30
CA LYS A 59 -2.57 -37.92 33.27
C LYS A 59 -2.04 -39.36 33.28
N TYR A 60 -1.73 -39.91 32.11
CA TYR A 60 -1.24 -41.27 32.00
C TYR A 60 0.24 -41.38 31.69
N ASN A 61 0.88 -40.31 31.21
CA ASN A 61 2.25 -40.42 30.69
C ASN A 61 2.31 -41.50 29.62
N GLN A 62 1.30 -41.54 28.76
CA GLN A 62 1.25 -42.56 27.74
C GLN A 62 0.56 -41.98 26.52
N ILE A 63 1.10 -42.26 25.33
CA ILE A 63 0.43 -41.89 24.09
C ILE A 63 0.39 -43.10 23.16
N ALA A 64 -0.61 -43.13 22.30
CA ALA A 64 -0.82 -44.24 21.38
C ALA A 64 -0.44 -43.83 19.98
N LEU A 65 0.34 -44.67 19.32
CA LEU A 65 0.65 -44.54 17.90
C LEU A 65 -0.12 -45.64 17.18
N ILE A 66 -1.02 -45.25 16.28
CA ILE A 66 -1.94 -46.17 15.62
C ILE A 66 -1.65 -46.15 14.12
N HIS A 67 -1.37 -47.31 13.55
CA HIS A 67 -0.95 -47.30 12.15
C HIS A 67 -1.24 -48.65 11.49
N ASN A 68 -0.78 -48.77 10.24
CA ASN A 68 -1.17 -49.82 9.33
C ASN A 68 0.00 -50.67 8.86
N ASN A 69 1.24 -50.35 9.25
CA ASN A 69 2.43 -50.95 8.66
C ASN A 69 3.39 -51.41 9.75
N GLN A 70 3.07 -52.55 10.37
CA GLN A 70 3.82 -53.04 11.52
C GLN A 70 5.31 -53.16 11.25
N PHE A 71 5.71 -53.55 10.04
CA PHE A 71 7.13 -53.79 9.76
C PHE A 71 7.79 -52.64 8.99
N SER A 72 7.17 -51.46 8.97
CA SER A 72 7.71 -50.35 8.19
C SER A 72 8.93 -49.75 8.87
N SER A 73 10.01 -49.58 8.12
CA SER A 73 11.15 -48.88 8.65
C SER A 73 10.85 -47.40 8.89
N LEU A 74 10.05 -46.77 8.02
CA LEU A 74 9.73 -45.37 8.24
C LEU A 74 8.87 -45.19 9.50
N ILE A 75 7.92 -46.10 9.74
CA ILE A 75 7.16 -46.01 10.99
C ILE A 75 8.09 -46.17 12.16
N ASN A 76 9.05 -47.11 12.08
N ASN A 76 9.06 -47.09 12.07
CA ASN A 76 10.01 -47.31 13.15
CA ASN A 76 10.00 -47.29 13.17
C ASN A 76 10.84 -46.04 13.38
C ASN A 76 10.87 -46.05 13.39
N GLN A 77 11.28 -45.39 12.30
CA GLN A 77 12.05 -44.15 12.47
C GLN A 77 11.14 -43.03 12.97
N LEU A 78 9.89 -43.01 12.52
CA LEU A 78 8.92 -42.05 13.02
C LEU A 78 8.79 -42.17 14.54
N LYS A 79 8.54 -43.40 15.02
CA LYS A 79 8.33 -43.61 16.45
C LYS A 79 9.56 -43.26 17.28
N SER A 80 10.77 -43.57 16.78
CA SER A 80 11.96 -43.24 17.54
C SER A 80 12.24 -41.73 17.55
N GLN A 81 11.96 -41.04 16.44
CA GLN A 81 12.13 -39.58 16.46
C GLN A 81 11.11 -38.90 17.38
N ILE A 82 9.86 -39.36 17.35
CA ILE A 82 8.85 -38.79 18.24
C ILE A 82 9.29 -38.98 19.70
N SER A 83 9.72 -40.20 20.06
CA SER A 83 10.13 -40.50 21.44
C SER A 83 11.26 -39.60 21.91
N SER A 84 12.31 -39.45 21.08
N SER A 84 12.31 -39.45 21.08
CA SER A 84 13.49 -38.71 21.50
CA SER A 84 13.48 -38.71 21.52
C SER A 84 13.18 -37.22 21.61
C SER A 84 13.19 -37.22 21.62
N LYS A 85 12.42 -36.67 20.67
CA LYS A 85 12.18 -35.24 20.68
C LYS A 85 11.11 -34.84 21.70
N ILE A 86 10.12 -35.68 21.96
CA ILE A 86 9.20 -35.39 23.07
C ILE A 86 9.99 -35.21 24.36
N ASP A 87 11.00 -36.05 24.57
CA ASP A 87 11.86 -35.99 25.74
C ASP A 87 12.88 -34.83 25.67
N GLU A 88 13.61 -34.69 24.57
CA GLU A 88 14.74 -33.77 24.55
C GLU A 88 14.36 -32.34 24.16
N VAL A 89 13.41 -32.18 23.25
CA VAL A 89 13.00 -30.84 22.83
C VAL A 89 11.91 -30.30 23.75
N TRP A 90 10.90 -31.11 24.05
CA TRP A 90 9.74 -30.63 24.78
C TRP A 90 9.80 -30.90 26.26
N HIS A 91 10.84 -31.61 26.72
CA HIS A 91 11.05 -31.90 28.13
C HIS A 91 9.84 -32.59 28.78
N ILE A 92 9.10 -33.37 28.00
CA ILE A 92 8.09 -34.27 28.54
C ILE A 92 8.81 -35.61 28.76
N HIS A 93 9.14 -35.91 30.01
CA HIS A 93 10.02 -37.04 30.29
C HIS A 93 9.25 -38.32 30.62
N ASN A 94 9.84 -39.46 30.25
CA ASN A 94 9.34 -40.80 30.61
C ASN A 94 7.96 -41.10 30.05
N ILE A 95 7.65 -40.59 28.88
CA ILE A 95 6.39 -40.92 28.23
C ILE A 95 6.56 -42.26 27.51
N ASN A 96 5.57 -43.12 27.63
CA ASN A 96 5.57 -44.38 26.90
C ASN A 96 4.69 -44.27 25.67
N ILE A 97 5.14 -44.84 24.56
CA ILE A 97 4.41 -44.79 23.29
C ILE A 97 3.97 -46.20 22.97
N SER A 98 2.70 -46.52 23.20
CA SER A 98 2.17 -47.81 22.81
C SER A 98 1.76 -47.80 21.34
N GLU A 99 1.78 -48.99 20.73
CA GLU A 99 1.43 -49.14 19.32
C GLU A 99 0.17 -49.98 19.19
N PHE A 100 -0.66 -49.63 18.21
CA PHE A 100 -1.88 -50.35 17.87
C PHE A 100 -1.94 -50.45 16.35
N ILE A 101 -2.19 -51.66 15.84
CA ILE A 101 -2.18 -51.94 14.41
C ILE A 101 -3.61 -52.21 13.96
N TYR A 102 -4.05 -51.52 12.93
CA TYR A 102 -5.31 -51.87 12.31
C TYR A 102 -5.03 -52.63 11.01
N ASP A 103 -5.96 -53.52 10.66
CA ASP A 103 -5.78 -54.41 9.50
C ASP A 103 -6.35 -53.77 8.23
N SER A 104 -7.64 -53.59 8.18
CA SER A 104 -8.21 -52.96 7.01
C SER A 104 -8.17 -51.44 7.16
N PRO A 105 -7.76 -50.72 6.10
CA PRO A 105 -7.70 -49.24 6.11
C PRO A 105 -9.06 -48.59 5.91
N HIS A 106 -10.03 -48.99 6.70
CA HIS A 106 -11.37 -48.46 6.59
C HIS A 106 -11.87 -48.03 7.95
N PHE A 107 -12.93 -47.21 7.94
CA PHE A 107 -13.32 -46.48 9.14
C PHE A 107 -13.50 -47.41 10.34
N ASP A 108 -14.31 -48.46 10.19
CA ASP A 108 -14.65 -49.30 11.34
C ASP A 108 -13.42 -49.94 11.94
N SER A 109 -12.51 -50.42 11.09
CA SER A 109 -11.32 -51.10 11.60
C SER A 109 -10.41 -50.13 12.34
N ILE A 110 -10.24 -48.91 11.82
CA ILE A 110 -9.38 -47.92 12.46
C ILE A 110 -9.98 -47.47 13.78
N LYS A 111 -11.28 -47.18 13.78
CA LYS A 111 -11.99 -46.77 14.98
C LYS A 111 -11.91 -47.82 16.07
N SER A 112 -11.89 -49.10 15.71
CA SER A 112 -11.68 -50.14 16.72
C SER A 112 -10.36 -49.95 17.45
N GLN A 113 -9.27 -49.65 16.72
CA GLN A 113 -8.00 -49.46 17.39
C GLN A 113 -7.96 -48.15 18.19
N VAL A 114 -8.61 -47.09 17.69
CA VAL A 114 -8.79 -45.88 18.49
C VAL A 114 -9.47 -46.22 19.80
N ASP A 115 -10.60 -46.92 19.73
CA ASP A 115 -11.30 -47.29 20.95
C ASP A 115 -10.45 -48.18 21.86
N ASN A 116 -9.68 -49.11 21.29
CA ASN A 116 -8.78 -49.91 22.14
C ASN A 116 -7.78 -49.01 22.85
N ALA A 117 -7.17 -48.07 22.12
CA ALA A 117 -6.19 -47.20 22.73
C ALA A 117 -6.83 -46.34 23.83
N ILE A 118 -8.01 -45.78 23.57
CA ILE A 118 -8.67 -44.97 24.59
C ILE A 118 -8.92 -45.80 25.84
N ASP A 119 -9.26 -47.08 25.68
CA ASP A 119 -9.58 -47.91 26.83
C ASP A 119 -8.35 -48.28 27.65
N THR A 120 -7.14 -48.19 27.08
CA THR A 120 -5.96 -48.53 27.88
C THR A 120 -5.52 -47.39 28.79
N GLY A 121 -5.99 -46.16 28.55
CA GLY A 121 -5.55 -45.02 29.33
C GLY A 121 -4.41 -44.29 28.66
N VAL A 122 -4.71 -43.32 27.77
CA VAL A 122 -3.67 -42.58 27.07
C VAL A 122 -4.00 -41.09 27.10
N ASP A 123 -2.95 -40.29 27.00
CA ASP A 123 -3.10 -38.84 26.96
C ASP A 123 -3.42 -38.31 25.57
N GLY A 124 -3.10 -39.06 24.54
CA GLY A 124 -3.28 -38.55 23.20
C GLY A 124 -3.02 -39.67 22.23
N ILE A 125 -3.56 -39.51 21.03
CA ILE A 125 -3.47 -40.52 19.98
C ILE A 125 -2.78 -39.89 18.77
N MET A 126 -1.74 -40.55 18.28
CA MET A 126 -1.11 -40.21 17.01
C MET A 126 -1.53 -41.27 15.99
N LEU A 127 -2.18 -40.84 14.93
CA LEU A 127 -2.91 -41.74 14.03
C LEU A 127 -2.36 -41.59 12.61
N VAL A 128 -1.77 -42.67 12.09
CA VAL A 128 -1.23 -42.67 10.73
C VAL A 128 -2.29 -43.31 9.83
N LEU A 129 -2.77 -42.57 8.83
CA LEU A 129 -3.70 -42.99 7.79
C LEU A 129 -2.93 -43.30 6.52
N PRO A 130 -3.45 -44.18 5.66
CA PRO A 130 -2.65 -44.61 4.49
C PRO A 130 -2.32 -43.46 3.54
N GLU A 131 -3.27 -42.59 3.21
CA GLU A 131 -3.12 -41.62 2.12
C GLU A 131 -4.06 -40.43 2.36
N TYR A 132 -4.29 -39.63 1.32
CA TYR A 132 -5.07 -38.40 1.42
C TYR A 132 -6.55 -38.67 1.09
N ASN A 133 -7.18 -39.45 1.97
CA ASN A 133 -8.58 -39.85 1.83
C ASN A 133 -9.44 -38.88 2.63
N THR A 134 -9.99 -37.89 1.94
CA THR A 134 -10.62 -36.78 2.64
C THR A 134 -11.85 -37.16 3.45
N PRO A 135 -12.81 -37.95 2.92
CA PRO A 135 -13.93 -38.38 3.77
C PRO A 135 -13.49 -39.17 4.98
N LEU A 136 -12.55 -40.10 4.80
CA LEU A 136 -12.09 -40.92 5.92
C LEU A 136 -11.42 -40.05 6.98
N TYR A 137 -10.59 -39.10 6.55
CA TYR A 137 -9.91 -38.22 7.49
C TYR A 137 -10.91 -37.46 8.35
N TYR A 138 -11.88 -36.77 7.72
CA TYR A 138 -12.75 -35.91 8.50
C TYR A 138 -13.73 -36.70 9.37
N LYS A 139 -14.13 -37.90 8.96
CA LYS A 139 -14.94 -38.71 9.86
C LYS A 139 -14.13 -39.14 11.09
N LEU A 140 -12.90 -39.59 10.89
CA LEU A 140 -12.07 -40.01 12.02
C LEU A 140 -11.63 -38.80 12.85
N LYS A 141 -11.29 -37.69 12.20
CA LYS A 141 -10.80 -36.54 12.97
C LYS A 141 -11.92 -35.95 13.81
N SER A 142 -13.15 -35.95 13.29
CA SER A 142 -14.25 -35.43 14.09
C SER A 142 -14.51 -36.34 15.27
N TYR A 143 -14.35 -37.64 15.07
CA TYR A 143 -14.47 -38.57 16.20
C TYR A 143 -13.38 -38.34 17.24
N LEU A 144 -12.14 -38.19 16.81
CA LEU A 144 -11.07 -38.00 17.79
C LEU A 144 -11.18 -36.64 18.50
N ILE A 145 -11.61 -35.59 17.81
CA ILE A 145 -11.75 -34.30 18.50
C ILE A 145 -12.73 -34.39 19.66
N ASN A 146 -13.81 -35.14 19.47
CA ASN A 146 -14.79 -35.37 20.50
C ASN A 146 -14.33 -36.36 21.56
N SER A 147 -13.09 -36.85 21.48
CA SER A 147 -12.68 -37.91 22.41
C SER A 147 -11.39 -37.62 23.16
N ILE A 148 -10.35 -37.18 22.47
CA ILE A 148 -9.02 -37.18 23.04
C ILE A 148 -8.09 -36.33 22.16
N PRO A 149 -7.09 -35.67 22.72
CA PRO A 149 -6.12 -34.97 21.86
C PRO A 149 -5.53 -35.90 20.81
N SER A 150 -5.36 -35.39 19.60
CA SER A 150 -4.94 -36.28 18.52
C SER A 150 -4.14 -35.53 17.46
N GLN A 151 -3.31 -36.29 16.76
CA GLN A 151 -2.46 -35.78 15.72
C GLN A 151 -2.49 -36.80 14.59
N PHE A 152 -2.93 -36.39 13.41
CA PHE A 152 -2.97 -37.30 12.27
C PHE A 152 -1.69 -37.16 11.43
N MET A 153 -1.36 -38.24 10.71
CA MET A 153 -0.22 -38.31 9.83
C MET A 153 -0.60 -39.12 8.58
N ARG A 154 0.15 -38.93 7.49
CA ARG A 154 -0.02 -39.72 6.27
C ARG A 154 1.17 -40.67 6.08
N TYR A 155 0.87 -41.97 6.00
CA TYR A 155 1.91 -42.94 5.73
C TYR A 155 2.63 -42.66 4.40
N ASP A 156 1.88 -42.36 3.36
CA ASP A 156 2.47 -42.22 2.03
C ASP A 156 3.36 -40.99 1.91
N ILE A 157 3.33 -40.07 2.87
CA ILE A 157 4.10 -38.84 2.73
C ILE A 157 5.42 -38.90 3.51
N LEU A 158 5.58 -39.83 4.46
CA LEU A 158 6.81 -39.92 5.24
C LEU A 158 8.01 -40.19 4.34
N SER A 159 9.16 -39.67 4.73
CA SER A 159 10.35 -39.88 3.92
C SER A 159 11.56 -39.62 4.78
N ASN A 160 12.63 -40.40 4.54
CA ASN A 160 13.88 -40.19 5.28
C ASN A 160 14.34 -38.76 5.16
N ARG A 161 14.16 -38.15 4.00
CA ARG A 161 14.69 -36.80 3.78
C ARG A 161 13.97 -35.76 4.65
N ASN A 162 12.65 -35.89 4.82
N ASN A 162 12.65 -35.90 4.81
CA ASN A 162 11.90 -34.84 5.50
CA ASN A 162 11.83 -34.88 5.48
C ASN A 162 11.52 -35.21 6.92
C ASN A 162 11.54 -35.21 6.93
N LEU A 163 11.88 -36.42 7.38
CA LEU A 163 11.43 -36.91 8.67
C LEU A 163 11.77 -35.96 9.82
N THR A 164 12.97 -35.38 9.82
N THR A 164 12.97 -35.37 9.81
CA THR A 164 13.35 -34.45 10.88
CA THR A 164 13.34 -34.45 10.90
C THR A 164 12.41 -33.26 10.91
C THR A 164 12.43 -33.23 10.93
N PHE A 165 12.21 -32.59 9.76
CA PHE A 165 11.32 -31.44 9.74
C PHE A 165 9.89 -31.86 10.05
N TYR A 166 9.55 -33.07 9.62
CA TYR A 166 8.21 -33.60 9.79
C TYR A 166 7.87 -33.71 11.28
N VAL A 167 8.72 -34.39 12.03
CA VAL A 167 8.49 -34.63 13.45
C VAL A 167 8.61 -33.33 14.24
N ASP A 168 9.55 -32.46 13.86
CA ASP A 168 9.74 -31.17 14.53
C ASP A 168 8.44 -30.40 14.57
N ASN A 169 7.84 -30.19 13.40
CA ASN A 169 6.63 -29.36 13.36
C ASN A 169 5.42 -30.06 13.90
N LEU A 170 5.27 -31.36 13.59
CA LEU A 170 4.20 -32.19 14.13
C LEU A 170 4.09 -32.05 15.64
N LEU A 171 5.21 -32.10 16.33
CA LEU A 171 5.17 -32.04 17.79
C LEU A 171 4.80 -30.66 18.30
N VAL A 172 5.09 -29.56 17.57
CA VAL A 172 4.63 -28.26 18.05
C VAL A 172 3.13 -28.30 18.26
N GLN A 173 2.41 -28.82 17.28
CA GLN A 173 0.96 -28.71 17.42
C GLN A 173 0.43 -29.80 18.33
N PHE A 174 1.09 -30.96 18.40
CA PHE A 174 0.60 -32.01 19.27
C PHE A 174 0.81 -31.69 20.75
N VAL A 175 1.99 -31.15 21.13
CA VAL A 175 2.22 -30.67 22.49
C VAL A 175 1.17 -29.63 22.86
N SER A 176 0.86 -28.73 21.92
CA SER A 176 -0.18 -27.73 22.14
C SER A 176 -1.55 -28.36 22.34
N LYS A 177 -1.87 -29.40 21.56
CA LYS A 177 -3.19 -30.04 21.72
C LYS A 177 -3.26 -30.80 23.03
N LEU A 178 -2.12 -31.25 23.56
CA LEU A 178 -2.06 -31.86 24.90
C LEU A 178 -2.14 -30.81 26.02
N GLY A 179 -2.21 -29.53 25.70
CA GLY A 179 -2.32 -28.51 26.73
C GLY A 179 -1.01 -27.84 27.08
N GLY A 180 0.08 -28.12 26.35
CA GLY A 180 1.32 -27.40 26.58
C GLY A 180 1.29 -26.03 25.96
N LYS A 181 2.26 -25.18 26.33
CA LYS A 181 2.43 -23.88 25.68
C LYS A 181 3.85 -23.82 25.14
N PRO A 182 4.04 -24.05 23.85
CA PRO A 182 5.40 -24.07 23.31
C PRO A 182 6.16 -22.80 23.62
N TRP A 183 5.62 -21.63 23.30
CA TRP A 183 6.26 -20.35 23.51
C TRP A 183 5.16 -19.29 23.55
N ILE A 184 5.45 -18.17 24.20
CA ILE A 184 4.53 -17.03 24.16
C ILE A 184 5.30 -15.82 23.70
N LEU A 185 4.56 -14.75 23.37
CA LEU A 185 5.17 -13.50 22.95
C LEU A 185 5.64 -12.72 24.17
N ASN A 186 6.86 -12.19 24.12
CA ASN A 186 7.28 -11.25 25.16
C ASN A 186 6.69 -9.87 24.87
N VAL A 187 5.74 -9.42 25.68
CA VAL A 187 5.12 -8.13 25.41
C VAL A 187 5.18 -7.28 26.67
N ASP A 188 5.08 -5.98 26.48
CA ASP A 188 5.00 -5.02 27.61
C ASP A 188 3.69 -5.18 28.36
N PRO A 189 3.71 -5.55 29.64
CA PRO A 189 2.43 -5.74 30.37
C PRO A 189 1.60 -4.45 30.49
N GLU A 190 2.18 -3.28 30.23
CA GLU A 190 1.46 -2.01 30.33
C GLU A 190 0.89 -1.53 29.01
N LYS A 191 1.17 -2.21 27.90
CA LYS A 191 0.65 -1.81 26.60
C LYS A 191 -0.32 -2.87 26.07
N GLY A 192 -1.25 -2.43 25.24
CA GLY A 192 -2.15 -3.34 24.57
C GLY A 192 -3.38 -3.69 25.38
N SER A 193 -4.07 -4.71 24.89
CA SER A 193 -5.36 -5.08 25.44
C SER A 193 -5.19 -6.06 26.58
N ASP A 194 -6.11 -5.99 27.55
CA ASP A 194 -6.16 -7.03 28.58
C ASP A 194 -6.60 -8.37 28.00
N ILE A 195 -7.63 -8.37 27.16
CA ILE A 195 -7.94 -9.53 26.32
C ILE A 195 -8.30 -9.04 24.93
N ILE A 196 -8.07 -9.91 23.94
CA ILE A 196 -8.51 -9.68 22.58
C ILE A 196 -9.48 -10.79 22.24
N ILE A 197 -10.63 -10.44 21.71
CA ILE A 197 -11.63 -11.42 21.32
C ILE A 197 -11.67 -11.48 19.81
N GLY A 198 -11.23 -12.61 19.24
CA GLY A 198 -11.37 -12.81 17.83
C GLY A 198 -12.77 -13.37 17.58
N THR A 199 -13.54 -12.74 16.71
CA THR A 199 -14.94 -13.15 16.54
C THR A 199 -15.43 -12.79 15.14
N GLY A 200 -16.64 -13.26 14.83
CA GLY A 200 -17.18 -13.15 13.49
C GLY A 200 -17.89 -14.43 13.12
N ALA A 201 -17.87 -14.76 11.82
CA ALA A 201 -18.50 -15.99 11.35
C ALA A 201 -17.85 -16.39 10.04
N THR A 202 -18.04 -17.65 9.65
CA THR A 202 -17.53 -18.14 8.37
C THR A 202 -18.62 -18.92 7.66
N ARG A 203 -18.94 -18.49 6.43
CA ARG A 203 -19.87 -19.28 5.62
C ARG A 203 -19.24 -20.61 5.26
N ILE A 204 -20.00 -21.68 5.41
CA ILE A 204 -19.54 -22.97 4.93
C ILE A 204 -20.14 -23.30 3.57
N ASP A 205 -21.16 -22.56 3.13
CA ASP A 205 -21.72 -22.57 1.78
C ASP A 205 -22.46 -21.24 1.60
N ASN A 206 -23.30 -21.15 0.57
CA ASN A 206 -23.89 -19.86 0.25
C ASN A 206 -24.91 -19.42 1.29
N VAL A 207 -25.46 -20.38 2.05
CA VAL A 207 -26.53 -20.10 2.98
C VAL A 207 -26.07 -20.29 4.43
N ASN A 208 -25.33 -21.34 4.71
CA ASN A 208 -25.02 -21.74 6.08
C ASN A 208 -23.68 -21.19 6.57
N LEU A 209 -23.63 -20.95 7.86
CA LEU A 209 -22.43 -20.38 8.48
C LEU A 209 -22.38 -20.85 9.92
N PHE A 210 -21.27 -20.54 10.59
CA PHE A 210 -21.22 -20.68 12.03
C PHE A 210 -20.46 -19.49 12.56
N CYS A 211 -20.79 -19.10 13.79
CA CYS A 211 -20.12 -17.99 14.46
C CYS A 211 -19.04 -18.54 15.39
N PHE A 212 -18.05 -17.72 15.66
CA PHE A 212 -16.98 -18.17 16.55
C PHE A 212 -16.63 -17.01 17.47
N ALA A 213 -16.07 -17.33 18.63
CA ALA A 213 -15.51 -16.28 19.49
C ALA A 213 -14.38 -16.89 20.26
N MET A 214 -13.19 -16.26 20.21
CA MET A 214 -12.04 -16.79 20.92
C MET A 214 -11.41 -15.67 21.74
N VAL A 215 -11.07 -15.98 22.99
CA VAL A 215 -10.43 -15.02 23.88
C VAL A 215 -8.93 -15.31 23.91
N PHE A 216 -8.12 -14.28 23.66
CA PHE A 216 -6.66 -14.35 23.70
C PHE A 216 -6.12 -13.34 24.70
N LYS A 217 -5.06 -13.75 25.38
CA LYS A 217 -4.17 -12.84 26.09
C LYS A 217 -3.29 -12.07 25.11
N LYS A 218 -2.78 -10.91 25.54
CA LYS A 218 -1.96 -10.14 24.60
C LYS A 218 -0.67 -10.88 24.24
N ASP A 219 -0.27 -11.88 25.00
CA ASP A 219 0.92 -12.66 24.67
C ASP A 219 0.64 -13.73 23.64
N GLY A 220 -0.59 -13.75 23.09
CA GLY A 220 -0.96 -14.67 22.05
C GLY A 220 -1.57 -15.96 22.49
N THR A 221 -1.67 -16.24 23.80
N THR A 221 -1.70 -16.21 23.79
CA THR A 221 -2.23 -17.50 24.23
CA THR A 221 -2.22 -17.48 24.28
C THR A 221 -3.75 -17.46 24.16
C THR A 221 -3.74 -17.49 24.23
N MET A 222 -4.33 -18.55 23.69
CA MET A 222 -5.79 -18.68 23.64
C MET A 222 -6.32 -19.14 25.00
N LEU A 223 -7.25 -18.40 25.56
CA LEU A 223 -7.80 -18.71 26.88
C LEU A 223 -9.12 -19.48 26.84
N TRP A 224 -9.91 -19.28 25.79
CA TRP A 224 -11.24 -19.89 25.75
C TRP A 224 -11.78 -19.72 24.35
N ASN A 225 -12.50 -20.72 23.87
CA ASN A 225 -13.10 -20.59 22.55
C ASN A 225 -14.47 -21.23 22.57
N GLU A 226 -15.38 -20.60 21.82
CA GLU A 226 -16.76 -21.09 21.62
C GLU A 226 -17.10 -20.94 20.16
N ILE A 227 -17.94 -21.85 19.65
CA ILE A 227 -18.48 -21.75 18.30
C ILE A 227 -19.98 -22.04 18.36
N SER A 228 -20.73 -21.36 17.52
CA SER A 228 -22.16 -21.65 17.45
C SER A 228 -22.40 -22.93 16.66
N PRO A 229 -23.61 -23.50 16.73
CA PRO A 229 -23.97 -24.53 15.75
C PRO A 229 -24.03 -23.92 14.35
N ILE A 230 -24.02 -24.79 13.33
CA ILE A 230 -24.25 -24.30 11.99
C ILE A 230 -25.68 -23.77 11.93
N VAL A 231 -25.85 -22.58 11.37
CA VAL A 231 -27.13 -21.90 11.31
C VAL A 231 -27.18 -21.21 9.95
N THR A 232 -28.37 -20.71 9.59
CA THR A 232 -28.44 -20.03 8.30
C THR A 232 -28.05 -18.56 8.49
N SER A 233 -27.69 -17.90 7.39
CA SER A 233 -27.25 -16.51 7.47
C SER A 233 -28.27 -15.62 8.13
N SER A 234 -29.56 -15.96 8.03
CA SER A 234 -30.56 -15.13 8.69
C SER A 234 -30.41 -15.12 10.21
N GLU A 235 -29.78 -16.13 10.80
CA GLU A 235 -29.60 -16.21 12.25
C GLU A 235 -28.27 -15.64 12.75
N TYR A 236 -27.51 -14.99 11.87
CA TYR A 236 -26.13 -14.60 12.17
C TYR A 236 -26.03 -13.69 13.38
N LEU A 237 -26.76 -12.57 13.39
CA LEU A 237 -26.60 -11.59 14.47
C LEU A 237 -27.03 -12.15 15.82
N THR A 238 -28.11 -12.93 15.85
CA THR A 238 -28.49 -13.62 17.07
C THR A 238 -27.34 -14.46 17.60
N TYR A 239 -26.78 -15.33 16.75
CA TYR A 239 -25.77 -16.25 17.25
C TYR A 239 -24.42 -15.59 17.45
N LEU A 240 -24.15 -14.47 16.76
CA LEU A 240 -22.92 -13.74 17.01
C LEU A 240 -22.90 -13.25 18.46
N LYS A 241 -24.00 -12.62 18.89
CA LYS A 241 -24.08 -12.14 20.27
C LYS A 241 -24.01 -13.28 21.27
N SER A 242 -24.78 -14.33 21.07
CA SER A 242 -24.79 -15.40 22.06
C SER A 242 -23.43 -16.08 22.13
N THR A 243 -22.74 -16.22 21.00
CA THR A 243 -21.44 -16.93 21.03
C THR A 243 -20.40 -16.12 21.81
N ILE A 244 -20.34 -14.81 21.57
CA ILE A 244 -19.42 -13.95 22.33
C ILE A 244 -19.73 -13.99 23.82
N LYS A 245 -21.01 -13.86 24.18
CA LYS A 245 -21.37 -13.92 25.61
C LYS A 245 -20.91 -15.24 26.21
N LYS A 246 -21.10 -16.34 25.49
CA LYS A 246 -20.68 -17.64 26.02
C LYS A 246 -19.17 -17.71 26.26
N VAL A 247 -18.38 -17.16 25.35
CA VAL A 247 -16.92 -17.29 25.54
C VAL A 247 -16.47 -16.38 26.66
N VAL A 248 -17.13 -15.23 26.83
CA VAL A 248 -16.68 -14.37 27.92
C VAL A 248 -17.14 -14.91 29.27
N TYR A 249 -18.38 -15.43 29.36
CA TYR A 249 -18.77 -16.16 30.56
C TYR A 249 -17.77 -17.25 30.91
N GLY A 250 -17.27 -17.95 29.87
CA GLY A 250 -16.32 -19.03 30.10
C GLY A 250 -14.96 -18.53 30.57
N PHE A 251 -14.44 -17.51 29.91
CA PHE A 251 -13.19 -16.91 30.35
C PHE A 251 -13.32 -16.40 31.77
N LYS A 252 -14.43 -15.70 32.07
CA LYS A 252 -14.54 -15.06 33.38
C LYS A 252 -14.82 -16.06 34.48
N LYS A 253 -15.59 -17.11 34.20
CA LYS A 253 -15.73 -18.14 35.22
C LYS A 253 -14.37 -18.73 35.58
N SER A 254 -13.48 -18.91 34.60
CA SER A 254 -12.20 -19.55 34.89
C SER A 254 -11.08 -18.56 35.18
N ASN A 255 -11.31 -17.25 35.02
CA ASN A 255 -10.34 -16.23 35.41
C ASN A 255 -11.10 -15.15 36.17
N PRO A 256 -11.62 -15.48 37.35
CA PRO A 256 -12.50 -14.53 38.07
C PRO A 256 -11.85 -13.19 38.38
N ASP A 257 -10.55 -13.15 38.58
CA ASP A 257 -9.86 -11.91 38.95
C ASP A 257 -9.20 -11.20 37.77
N TRP A 258 -9.31 -11.73 36.55
CA TRP A 258 -8.72 -11.09 35.38
C TRP A 258 -9.48 -9.80 35.12
N ASP A 259 -8.89 -8.68 35.50
CA ASP A 259 -9.53 -7.39 35.28
C ASP A 259 -9.42 -7.01 33.81
N VAL A 260 -10.56 -6.77 33.17
CA VAL A 260 -10.50 -6.32 31.79
C VAL A 260 -10.87 -4.85 31.70
N GLU A 261 -9.85 -4.00 31.65
CA GLU A 261 -10.05 -2.57 31.49
C GLU A 261 -9.85 -2.12 30.06
N LYS A 262 -9.22 -2.96 29.24
CA LYS A 262 -8.94 -2.62 27.87
C LYS A 262 -9.26 -3.85 27.04
N LEU A 263 -10.16 -3.70 26.12
CA LEU A 263 -10.72 -4.80 25.36
C LEU A 263 -10.59 -4.46 23.89
N THR A 264 -10.25 -5.47 23.08
N THR A 264 -10.19 -5.43 23.07
CA THR A 264 -10.26 -5.30 21.65
CA THR A 264 -10.29 -5.25 21.63
C THR A 264 -11.01 -6.47 21.03
C THR A 264 -11.02 -6.45 21.03
N LEU A 265 -11.85 -6.19 20.03
CA LEU A 265 -12.49 -7.22 19.23
C LEU A 265 -11.84 -7.23 17.87
N HIS A 266 -11.43 -8.42 17.41
CA HIS A 266 -10.93 -8.60 16.05
C HIS A 266 -12.01 -9.37 15.29
N VAL A 267 -12.69 -8.70 14.37
CA VAL A 267 -13.81 -9.28 13.63
C VAL A 267 -13.35 -9.76 12.27
N SER A 268 -13.55 -11.05 11.97
CA SER A 268 -13.06 -11.55 10.68
C SER A 268 -14.03 -12.58 10.14
N GLY A 269 -13.79 -12.96 8.89
CA GLY A 269 -14.44 -14.12 8.33
C GLY A 269 -15.37 -13.72 7.20
N LYS A 270 -15.53 -14.64 6.25
CA LYS A 270 -16.45 -14.41 5.13
C LYS A 270 -17.87 -14.65 5.64
N ARG A 271 -18.63 -13.58 5.74
CA ARG A 271 -19.83 -13.55 6.56
C ARG A 271 -20.82 -12.59 5.90
N PRO A 272 -22.07 -12.59 6.36
CA PRO A 272 -23.07 -11.77 5.65
C PRO A 272 -22.73 -10.29 5.70
N LYS A 273 -23.21 -9.57 4.69
CA LYS A 273 -22.93 -8.14 4.51
C LYS A 273 -23.95 -7.35 5.31
N MET A 274 -23.57 -6.97 6.53
CA MET A 274 -24.49 -6.40 7.50
C MET A 274 -23.75 -5.46 8.44
N LYS A 275 -22.79 -4.70 7.90
CA LYS A 275 -21.78 -4.05 8.73
C LYS A 275 -22.40 -3.17 9.80
N ASP A 276 -23.39 -2.36 9.44
CA ASP A 276 -23.96 -1.45 10.43
C ASP A 276 -24.73 -2.22 11.50
N GLY A 277 -25.54 -3.20 11.10
CA GLY A 277 -26.24 -4.01 12.09
C GLY A 277 -25.30 -4.89 12.90
N GLU A 278 -24.21 -5.34 12.30
CA GLU A 278 -23.25 -6.15 13.02
C GLU A 278 -22.53 -5.32 14.08
N THR A 279 -22.07 -4.13 13.68
CA THR A 279 -21.46 -3.21 14.62
C THR A 279 -22.40 -2.89 15.77
N LYS A 280 -23.67 -2.61 15.44
CA LYS A 280 -24.64 -2.24 16.47
C LYS A 280 -24.82 -3.37 17.48
N ILE A 281 -24.86 -4.60 16.99
CA ILE A 281 -24.98 -5.77 17.86
C ILE A 281 -23.73 -5.99 18.68
N LEU A 282 -22.57 -5.73 18.10
CA LEU A 282 -21.34 -5.97 18.86
C LEU A 282 -21.22 -4.97 20.02
N LYS A 283 -21.56 -3.70 19.77
CA LYS A 283 -21.60 -2.72 20.85
C LYS A 283 -22.59 -3.14 21.93
N GLU A 284 -23.80 -3.58 21.54
CA GLU A 284 -24.77 -4.06 22.52
C GLU A 284 -24.21 -5.20 23.35
N THR A 285 -23.46 -6.09 22.71
CA THR A 285 -22.90 -7.24 23.40
C THR A 285 -21.91 -6.79 24.47
N VAL A 286 -21.03 -5.85 24.11
CA VAL A 286 -20.09 -5.29 25.08
C VAL A 286 -20.86 -4.62 26.21
N GLU A 287 -21.91 -3.85 25.87
CA GLU A 287 -22.64 -3.17 26.92
C GLU A 287 -23.35 -4.17 27.82
N GLU A 288 -23.79 -5.31 27.28
CA GLU A 288 -24.40 -6.30 28.15
C GLU A 288 -23.37 -6.98 29.04
N LEU A 289 -22.15 -7.20 28.51
CA LEU A 289 -21.10 -7.80 29.34
C LEU A 289 -20.65 -6.85 30.45
N LYS A 290 -20.64 -5.54 30.18
CA LYS A 290 -20.35 -4.59 31.25
C LYS A 290 -21.38 -4.66 32.37
N LYS A 291 -22.67 -4.67 31.99
CA LYS A 291 -23.76 -4.73 32.97
C LYS A 291 -23.63 -5.95 33.85
N GLN A 292 -23.16 -7.06 33.30
CA GLN A 292 -22.99 -8.30 34.03
C GLN A 292 -21.65 -8.40 34.74
N GLU A 293 -20.84 -7.33 34.72
CA GLU A 293 -19.57 -7.29 35.42
C GLU A 293 -18.61 -8.36 34.89
N MET A 294 -18.74 -8.71 33.61
CA MET A 294 -17.81 -9.62 32.98
C MET A 294 -16.55 -8.87 32.54
N VAL A 295 -16.71 -7.60 32.19
CA VAL A 295 -15.59 -6.68 31.97
C VAL A 295 -15.87 -5.43 32.81
N SER A 296 -14.86 -4.58 32.92
CA SER A 296 -15.01 -3.35 33.70
C SER A 296 -16.15 -2.48 33.17
N ARG A 297 -16.89 -1.91 34.11
CA ARG A 297 -17.93 -0.96 33.74
C ARG A 297 -17.36 0.27 33.04
N ASP A 298 -16.06 0.54 33.13
CA ASP A 298 -15.47 1.61 32.34
C ASP A 298 -14.47 1.07 31.31
N VAL A 299 -14.73 -0.12 30.76
CA VAL A 299 -13.80 -0.72 29.83
C VAL A 299 -13.59 0.19 28.62
N LYS A 300 -12.35 0.31 28.20
CA LYS A 300 -12.02 1.03 26.97
C LYS A 300 -11.88 -0.03 25.90
N TYR A 301 -12.61 0.13 24.81
CA TYR A 301 -12.62 -0.93 23.80
C TYR A 301 -12.69 -0.38 22.40
N ALA A 302 -12.32 -1.24 21.45
CA ALA A 302 -12.48 -0.92 20.04
C ALA A 302 -12.91 -2.18 19.31
N ILE A 303 -13.78 -2.02 18.33
CA ILE A 303 -14.15 -3.09 17.42
C ILE A 303 -13.43 -2.87 16.10
N LEU A 304 -12.67 -3.88 15.67
CA LEU A 304 -11.82 -3.81 14.50
C LEU A 304 -12.24 -4.88 13.49
N HIS A 305 -12.22 -4.53 12.21
CA HIS A 305 -12.39 -5.49 11.11
C HIS A 305 -11.03 -5.79 10.52
N LEU A 306 -10.59 -7.04 10.62
CA LEU A 306 -9.32 -7.49 10.05
C LEU A 306 -9.62 -8.23 8.76
N ASN A 307 -9.02 -7.80 7.65
CA ASN A 307 -9.29 -8.38 6.34
C ASN A 307 -7.98 -8.64 5.61
N GLU A 308 -7.79 -9.86 5.14
CA GLU A 308 -6.66 -10.12 4.25
C GLU A 308 -6.94 -9.49 2.88
N THR A 309 -5.99 -8.75 2.34
CA THR A 309 -6.16 -8.14 1.02
C THR A 309 -5.14 -8.73 0.05
N HIS A 310 -5.22 -8.28 -1.20
N HIS A 310 -5.22 -8.27 -1.21
CA HIS A 310 -4.44 -8.92 -2.25
CA HIS A 310 -4.45 -8.90 -2.27
C HIS A 310 -2.95 -8.72 -2.02
C HIS A 310 -2.94 -8.72 -2.02
N PRO A 311 -2.14 -9.78 -2.10
CA PRO A 311 -0.69 -9.62 -1.94
C PRO A 311 -0.11 -8.79 -3.06
N PHE A 312 1.07 -8.23 -2.78
CA PHE A 312 1.86 -7.53 -3.77
C PHE A 312 3.33 -7.80 -3.47
N TRP A 313 4.21 -7.29 -4.33
CA TRP A 313 5.64 -7.59 -4.25
C TRP A 313 6.42 -6.28 -4.36
N VAL A 314 7.29 -6.04 -3.39
CA VAL A 314 8.17 -4.87 -3.45
C VAL A 314 9.37 -5.22 -4.31
N MET A 315 9.62 -4.42 -5.34
CA MET A 315 10.73 -4.67 -6.28
C MET A 315 12.01 -3.98 -5.86
N PRO A 324 12.83 -4.11 6.19
CA PRO A 324 12.44 -2.74 5.84
C PRO A 324 10.92 -2.54 5.90
N TYR A 325 10.15 -3.59 5.59
CA TYR A 325 8.69 -3.57 5.64
C TYR A 325 8.15 -4.46 6.75
N GLU A 326 9.02 -4.93 7.63
CA GLU A 326 8.65 -5.81 8.72
C GLU A 326 8.07 -4.98 9.86
N GLY A 327 6.76 -5.04 10.03
CA GLY A 327 6.10 -4.27 11.07
C GLY A 327 5.72 -2.87 10.67
N THR A 328 5.64 -2.58 9.37
CA THR A 328 5.27 -1.25 8.84
C THR A 328 3.77 -1.05 8.99
N LYS A 329 3.37 0.09 9.52
CA LYS A 329 1.96 0.46 9.64
C LYS A 329 1.66 1.58 8.66
N VAL A 330 0.55 1.44 7.93
CA VAL A 330 0.15 2.41 6.92
C VAL A 330 -1.20 2.95 7.34
N LYS A 331 -1.32 4.28 7.41
CA LYS A 331 -2.61 4.90 7.66
C LYS A 331 -3.22 5.31 6.35
N LEU A 332 -4.46 4.91 6.12
CA LEU A 332 -5.21 5.29 4.92
C LEU A 332 -6.24 6.37 5.20
N SER A 333 -6.77 6.39 6.42
CA SER A 333 -7.60 7.47 6.93
C SER A 333 -7.59 7.32 8.45
N SER A 334 -8.32 8.19 9.15
CA SER A 334 -8.30 8.12 10.61
C SER A 334 -8.81 6.78 11.13
N LYS A 335 -9.60 6.04 10.34
CA LYS A 335 -10.18 4.79 10.79
C LYS A 335 -9.66 3.54 10.07
N ARG A 336 -8.93 3.69 8.96
CA ARG A 336 -8.47 2.54 8.21
C ARG A 336 -6.95 2.50 8.12
N TYR A 337 -6.40 1.31 8.33
CA TYR A 337 -4.97 1.10 8.42
C TYR A 337 -4.66 -0.15 7.63
N LEU A 338 -3.38 -0.32 7.36
CA LEU A 338 -2.90 -1.51 6.68
C LEU A 338 -1.59 -1.89 7.36
N LEU A 339 -1.42 -3.18 7.60
CA LEU A 339 -0.20 -3.76 8.20
C LEU A 339 0.47 -4.54 7.06
N THR A 340 1.72 -4.19 6.74
CA THR A 340 2.40 -4.90 5.66
C THR A 340 3.11 -6.09 6.29
N LEU A 341 2.44 -7.23 6.30
CA LEU A 341 3.03 -8.43 6.87
C LEU A 341 3.85 -9.14 5.81
N LEU A 342 5.11 -9.43 6.11
CA LEU A 342 5.96 -10.14 5.17
C LEU A 342 5.50 -11.59 5.02
N GLN A 343 5.56 -12.08 3.78
CA GLN A 343 5.29 -13.49 3.50
C GLN A 343 6.61 -14.25 3.60
N PRO A 344 6.75 -15.04 4.67
CA PRO A 344 7.98 -15.76 4.97
C PRO A 344 7.88 -17.24 4.58
N MET A 353 15.48 -9.25 -5.61
CA MET A 353 14.61 -8.99 -6.75
C MET A 353 13.19 -8.63 -6.31
N VAL A 354 12.45 -9.64 -5.83
CA VAL A 354 11.03 -9.51 -5.50
C VAL A 354 10.79 -10.08 -4.11
N THR A 355 10.19 -9.28 -3.22
CA THR A 355 9.88 -9.73 -1.86
C THR A 355 8.39 -9.61 -1.60
N PRO A 356 7.69 -10.68 -1.25
CA PRO A 356 6.22 -10.65 -1.22
C PRO A 356 5.67 -10.09 0.09
N ILE A 357 4.55 -9.38 -0.03
CA ILE A 357 3.86 -8.77 1.10
C ILE A 357 2.44 -9.29 1.13
N LYS A 358 1.97 -9.64 2.33
CA LYS A 358 0.59 -10.10 2.56
C LYS A 358 -0.10 -9.07 3.44
N PRO A 359 -0.63 -7.99 2.88
CA PRO A 359 -1.13 -6.89 3.71
C PRO A 359 -2.42 -7.26 4.43
N LEU A 360 -2.60 -6.63 5.58
CA LEU A 360 -3.77 -6.87 6.42
C LEU A 360 -4.48 -5.54 6.63
N SER A 361 -5.70 -5.45 6.14
CA SER A 361 -6.52 -4.26 6.36
C SER A 361 -7.09 -4.27 7.77
N VAL A 362 -7.01 -3.13 8.45
CA VAL A 362 -7.51 -2.98 9.82
C VAL A 362 -8.36 -1.74 9.80
N GLU A 363 -9.65 -1.90 10.06
CA GLU A 363 -10.57 -0.79 10.12
C GLU A 363 -11.15 -0.70 11.53
N ILE A 364 -11.06 0.48 12.13
CA ILE A 364 -11.71 0.76 13.42
C ILE A 364 -13.16 1.12 13.11
N VAL A 365 -14.10 0.24 13.41
CA VAL A 365 -15.49 0.55 13.12
C VAL A 365 -16.21 1.14 14.32
N SER A 366 -15.59 1.10 15.50
CA SER A 366 -16.23 1.61 16.71
C SER A 366 -15.24 1.55 17.85
N ASP A 367 -15.32 2.56 18.72
CA ASP A 367 -14.42 2.67 19.86
C ASP A 367 -15.03 3.73 20.77
N ASN A 368 -14.70 3.66 22.05
CA ASN A 368 -15.07 4.70 23.00
C ASN A 368 -13.85 5.43 23.50
N TRP A 369 -12.82 5.56 22.65
CA TRP A 369 -11.59 6.23 23.04
C TRP A 369 -11.78 7.74 23.05
N THR A 370 -11.15 8.42 24.00
CA THR A 370 -11.10 9.86 23.99
C THR A 370 -10.22 10.35 22.84
N SER A 371 -10.62 11.49 22.26
CA SER A 371 -9.85 12.07 21.17
C SER A 371 -8.40 12.32 21.59
N GLU A 372 -8.18 12.56 22.88
CA GLU A 372 -6.83 12.81 23.37
C GLU A 372 -5.95 11.57 23.25
N GLU A 373 -6.51 10.38 23.47
CA GLU A 373 -5.74 9.14 23.50
C GLU A 373 -5.86 8.33 22.21
N TYR A 374 -6.55 8.86 21.19
CA TYR A 374 -6.89 8.08 20.00
C TYR A 374 -5.65 7.52 19.30
N TYR A 375 -4.75 8.40 18.86
CA TYR A 375 -3.64 7.89 18.05
C TYR A 375 -2.64 7.10 18.89
N HIS A 376 -2.53 7.42 20.17
CA HIS A 376 -1.80 6.57 21.08
C HIS A 376 -2.37 5.15 21.08
N ASN A 377 -3.70 5.06 21.18
CA ASN A 377 -4.35 3.75 21.17
C ASN A 377 -4.24 3.09 19.80
N VAL A 378 -4.27 3.87 18.72
CA VAL A 378 -4.15 3.26 17.41
C VAL A 378 -2.80 2.55 17.29
N HIS A 379 -1.72 3.21 17.73
CA HIS A 379 -0.41 2.59 17.66
C HIS A 379 -0.37 1.28 18.46
N GLU A 380 -0.96 1.28 19.67
CA GLU A 380 -0.97 0.06 20.49
C GLU A 380 -1.72 -1.10 19.82
N ILE A 381 -2.92 -0.85 19.27
CA ILE A 381 -3.67 -1.96 18.68
C ILE A 381 -3.02 -2.44 17.37
N LEU A 382 -2.35 -1.56 16.62
CA LEU A 382 -1.68 -2.06 15.42
C LEU A 382 -0.43 -2.85 15.77
N ASP A 383 0.35 -2.40 16.76
CA ASP A 383 1.48 -3.20 17.24
C ASP A 383 1.03 -4.54 17.77
N GLU A 384 -0.07 -4.55 18.53
CA GLU A 384 -0.63 -5.79 19.04
C GLU A 384 -0.97 -6.76 17.92
N ILE A 385 -1.57 -6.26 16.83
CA ILE A 385 -1.92 -7.14 15.72
C ILE A 385 -0.66 -7.70 15.08
N TYR A 386 0.38 -6.88 14.96
CA TYR A 386 1.67 -7.36 14.46
C TYR A 386 2.24 -8.47 15.35
N TYR A 387 2.19 -8.28 16.66
CA TYR A 387 2.74 -9.29 17.58
C TYR A 387 1.98 -10.61 17.48
N LEU A 388 0.65 -10.53 17.41
CA LEU A 388 -0.15 -11.72 17.29
C LEU A 388 0.06 -12.45 15.96
N SER A 389 0.57 -11.78 14.94
CA SER A 389 0.85 -12.47 13.69
C SER A 389 2.09 -13.34 13.82
N LYS A 390 2.88 -13.17 14.91
CA LYS A 390 4.04 -13.99 15.17
C LYS A 390 3.70 -15.21 15.99
N MET A 391 2.45 -15.36 16.40
CA MET A 391 2.03 -16.46 17.25
C MET A 391 1.36 -17.50 16.33
N ASN A 392 1.89 -18.71 16.31
CA ASN A 392 1.30 -19.76 15.47
C ASN A 392 1.82 -21.07 16.04
N TRP A 393 0.96 -21.79 16.74
CA TRP A 393 1.42 -23.06 17.29
C TRP A 393 1.17 -24.22 16.34
N ARG A 394 1.04 -23.95 15.06
CA ARG A 394 0.93 -25.01 14.05
C ARG A 394 2.26 -25.65 13.70
N GLY A 395 3.33 -24.86 13.69
CA GLY A 395 4.67 -25.38 13.48
C GLY A 395 5.67 -24.33 13.91
N PHE A 396 6.92 -24.56 13.58
CA PHE A 396 7.96 -23.64 14.01
C PHE A 396 7.90 -22.34 13.23
N ARG A 397 7.49 -22.39 11.97
CA ARG A 397 7.49 -21.21 11.12
C ARG A 397 6.23 -20.38 11.36
N SER A 398 6.43 -19.11 11.71
CA SER A 398 5.33 -18.16 11.83
C SER A 398 4.48 -18.15 10.55
N ARG A 399 3.16 -18.05 10.73
CA ARG A 399 2.25 -17.93 9.59
C ARG A 399 2.10 -16.49 9.11
N ASN A 400 2.56 -15.53 9.90
CA ASN A 400 2.46 -14.10 9.59
C ASN A 400 1.01 -13.71 9.29
N LEU A 401 0.09 -14.22 10.11
CA LEU A 401 -1.31 -13.79 10.12
C LEU A 401 -1.73 -13.78 11.59
N PRO A 402 -2.41 -12.73 12.04
CA PRO A 402 -2.83 -12.69 13.44
C PRO A 402 -3.57 -13.96 13.84
N VAL A 403 -3.18 -14.48 15.00
CA VAL A 403 -3.82 -15.67 15.55
C VAL A 403 -5.34 -15.49 15.71
N THR A 404 -5.79 -14.26 15.89
CA THR A 404 -7.22 -14.02 16.07
C THR A 404 -7.99 -14.18 14.78
N VAL A 405 -7.30 -14.21 13.64
CA VAL A 405 -7.87 -14.49 12.32
C VAL A 405 -7.60 -15.92 11.89
N ASN A 406 -6.36 -16.35 12.11
CA ASN A 406 -5.88 -17.63 11.62
C ASN A 406 -6.51 -18.79 12.37
N TYR A 407 -6.57 -18.74 13.70
CA TYR A 407 -7.18 -19.88 14.40
C TYR A 407 -8.63 -20.06 14.01
N PRO A 408 -9.44 -19.01 13.85
CA PRO A 408 -10.80 -19.22 13.31
C PRO A 408 -10.86 -19.80 11.91
N LYS A 409 -9.91 -19.48 11.03
CA LYS A 409 -9.87 -20.09 9.71
C LYS A 409 -9.61 -21.58 9.83
N LEU A 410 -8.77 -21.98 10.79
CA LEU A 410 -8.52 -23.41 11.01
C LEU A 410 -9.76 -24.13 11.50
N VAL A 411 -10.48 -23.53 12.46
CA VAL A 411 -11.71 -24.11 12.96
C VAL A 411 -12.70 -24.27 11.80
N ALA A 412 -12.81 -23.23 10.97
CA ALA A 412 -13.78 -23.26 9.87
C ALA A 412 -13.46 -24.37 8.88
N GLY A 413 -12.18 -24.62 8.60
CA GLY A 413 -11.84 -25.74 7.72
C GLY A 413 -12.45 -27.04 8.23
N ILE A 414 -12.35 -27.26 9.53
CA ILE A 414 -12.83 -28.51 10.14
C ILE A 414 -14.35 -28.55 10.15
N ILE A 415 -15.00 -27.47 10.61
CA ILE A 415 -16.46 -27.48 10.74
C ILE A 415 -17.11 -27.68 9.39
N ALA A 416 -16.62 -26.96 8.37
CA ALA A 416 -17.18 -27.08 7.03
C ALA A 416 -17.05 -28.50 6.49
N ASN A 417 -15.86 -29.09 6.61
CA ASN A 417 -15.65 -30.39 6.00
C ASN A 417 -16.32 -31.49 6.78
N VAL A 418 -16.44 -31.31 8.10
CA VAL A 418 -17.15 -32.34 8.87
C VAL A 418 -18.62 -32.32 8.50
N ASN A 419 -19.18 -31.15 8.18
CA ASN A 419 -20.56 -31.12 7.71
C ASN A 419 -20.66 -31.69 6.30
N ARG A 420 -19.71 -31.35 5.43
CA ARG A 420 -19.73 -31.84 4.05
C ARG A 420 -19.67 -33.36 3.99
N TYR A 421 -18.77 -33.96 4.76
CA TYR A 421 -18.53 -35.39 4.68
C TYR A 421 -19.23 -36.17 5.78
N GLY A 422 -20.14 -35.54 6.50
CA GLY A 422 -20.94 -36.24 7.48
C GLY A 422 -20.17 -36.87 8.63
N GLY A 423 -19.33 -36.07 9.31
CA GLY A 423 -18.63 -36.55 10.48
C GLY A 423 -19.41 -36.33 11.77
N TYR A 424 -18.73 -36.54 12.88
CA TYR A 424 -19.32 -36.31 14.19
C TYR A 424 -19.30 -34.81 14.49
N PRO A 425 -20.45 -34.17 14.67
CA PRO A 425 -20.46 -32.72 14.97
C PRO A 425 -19.58 -32.35 16.16
N ILE A 426 -19.02 -31.15 16.07
CA ILE A 426 -18.13 -30.64 17.11
C ILE A 426 -18.78 -29.43 17.76
N ASN A 427 -18.95 -29.48 19.07
CA ASN A 427 -19.26 -28.22 19.76
C ASN A 427 -18.53 -28.21 21.10
N PRO A 428 -17.73 -27.17 21.35
CA PRO A 428 -16.96 -27.11 22.61
C PRO A 428 -17.82 -26.93 23.87
N GLU A 429 -19.07 -26.48 23.76
CA GLU A 429 -19.87 -26.20 24.95
C GLU A 429 -20.00 -27.43 25.83
N GLY A 430 -19.79 -27.24 27.14
CA GLY A 430 -19.80 -28.32 28.12
C GLY A 430 -18.58 -29.23 28.07
N ASN A 431 -17.60 -28.92 27.24
CA ASN A 431 -16.38 -29.70 27.12
C ASN A 431 -15.24 -28.76 27.48
N ARG A 432 -14.81 -28.81 28.74
CA ARG A 432 -13.72 -27.91 29.13
C ARG A 432 -12.47 -28.19 28.31
N SER A 433 -12.31 -29.42 27.83
CA SER A 433 -11.13 -29.71 27.02
C SER A 433 -11.19 -28.98 25.67
N LEU A 434 -12.34 -28.97 25.01
CA LEU A 434 -12.40 -28.25 23.74
C LEU A 434 -12.34 -26.74 23.95
N GLN A 435 -12.95 -26.25 25.04
CA GLN A 435 -13.01 -24.80 25.27
C GLN A 435 -11.64 -24.22 25.57
N THR A 436 -10.72 -24.98 26.16
CA THR A 436 -9.46 -24.42 26.66
C THR A 436 -8.22 -24.91 25.91
N ASN A 437 -8.37 -25.77 24.91
CA ASN A 437 -7.24 -26.34 24.17
C ASN A 437 -7.40 -26.09 22.69
N PRO A 438 -6.28 -25.88 21.97
CA PRO A 438 -6.35 -25.58 20.53
C PRO A 438 -6.49 -26.86 19.71
N TRP A 439 -7.66 -27.49 19.86
CA TRP A 439 -7.99 -28.74 19.17
C TRP A 439 -7.92 -28.59 17.66
N PHE A 440 -8.01 -27.38 17.14
CA PHE A 440 -8.09 -27.17 15.70
C PHE A 440 -6.74 -27.12 14.99
N LEU A 441 -5.61 -27.28 15.70
CA LEU A 441 -4.34 -27.10 15.04
C LEU A 441 -4.05 -28.24 14.02
N GLY D 24 21.44 8.24 -5.63
CA GLY D 24 22.42 9.30 -5.81
C GLY D 24 22.06 10.17 -7.02
N LEU D 25 20.77 10.52 -7.12
CA LEU D 25 20.28 11.34 -8.22
C LEU D 25 20.59 12.80 -7.99
N THR D 26 20.90 13.51 -9.07
CA THR D 26 21.33 14.90 -9.00
C THR D 26 20.70 15.71 -10.13
N TYR D 27 20.54 17.00 -9.88
CA TYR D 27 20.19 17.97 -10.93
C TYR D 27 21.46 18.56 -11.55
N ARG D 28 21.47 18.66 -12.88
CA ARG D 28 22.48 19.41 -13.60
C ARG D 28 22.06 20.88 -13.65
N ILE D 29 22.92 21.78 -13.17
CA ILE D 29 22.67 23.21 -13.33
C ILE D 29 23.76 23.79 -14.24
N GLY D 30 24.06 25.07 -14.10
CA GLY D 30 24.95 25.71 -15.05
C GLY D 30 26.40 25.26 -14.94
N ASN D 31 27.17 25.54 -15.99
CA ASN D 31 28.63 25.38 -16.00
C ASN D 31 29.08 23.96 -15.67
N GLY D 32 28.30 22.98 -16.10
CA GLY D 32 28.60 21.58 -15.84
C GLY D 32 28.47 21.14 -14.40
N ALA D 33 27.92 21.96 -13.53
CA ALA D 33 27.79 21.61 -12.13
C ALA D 33 26.54 20.76 -11.90
N SER D 34 26.58 19.91 -10.87
CA SER D 34 25.45 19.08 -10.49
C SER D 34 25.30 19.09 -8.99
N VAL D 35 24.07 19.10 -8.51
CA VAL D 35 23.74 19.27 -7.09
C VAL D 35 22.75 18.19 -6.68
N PRO D 36 22.80 17.69 -5.45
CA PRO D 36 21.83 16.67 -5.01
C PRO D 36 20.39 17.14 -5.15
N ILE D 37 19.51 16.18 -5.41
CA ILE D 37 18.07 16.46 -5.33
C ILE D 37 17.67 16.55 -3.86
N SER D 38 16.45 17.01 -3.62
CA SER D 38 15.82 17.01 -2.28
C SER D 38 16.55 17.91 -1.28
N ASN D 39 17.20 18.97 -1.75
CA ASN D 39 17.95 19.86 -0.86
C ASN D 39 17.86 21.29 -1.42
N THR D 40 16.88 22.04 -0.93
CA THR D 40 16.62 23.36 -1.48
C THR D 40 17.79 24.30 -1.23
N GLY D 41 18.36 24.25 -0.03
CA GLY D 41 19.45 25.15 0.29
C GLY D 41 20.68 24.93 -0.57
N GLU D 42 21.02 23.66 -0.84
CA GLU D 42 22.14 23.39 -1.73
C GLU D 42 21.81 23.75 -3.17
N LEU D 43 20.54 23.66 -3.56
CA LEU D 43 20.17 24.02 -4.93
C LEU D 43 20.34 25.51 -5.16
N ILE D 44 19.78 26.33 -4.26
CA ILE D 44 19.92 27.77 -4.37
C ILE D 44 21.38 28.18 -4.34
N LYS D 45 22.16 27.58 -3.44
CA LYS D 45 23.58 27.92 -3.40
C LYS D 45 24.27 27.48 -4.68
N GLY D 46 23.97 26.27 -5.16
CA GLY D 46 24.44 25.86 -6.47
C GLY D 46 24.14 26.89 -7.54
N LEU D 47 22.90 27.40 -7.57
CA LEU D 47 22.52 28.39 -8.58
C LEU D 47 23.35 29.65 -8.46
N ARG D 48 23.58 30.12 -7.24
CA ARG D 48 24.39 31.33 -7.07
C ARG D 48 25.79 31.14 -7.63
N ASN D 49 26.38 29.97 -7.40
N ASN D 49 26.38 29.96 -7.41
CA ASN D 49 27.75 29.74 -7.84
CA ASN D 49 27.75 29.74 -7.84
C ASN D 49 27.87 29.47 -9.33
C ASN D 49 27.87 29.45 -9.33
N TYR D 50 26.94 28.67 -9.89
CA TYR D 50 27.08 28.16 -11.25
C TYR D 50 25.99 28.56 -12.23
N GLY D 51 24.92 29.21 -11.76
CA GLY D 51 23.81 29.59 -12.60
C GLY D 51 22.91 28.42 -12.92
N PRO D 52 21.78 28.70 -13.58
CA PRO D 52 20.85 27.63 -13.99
C PRO D 52 21.41 26.85 -15.17
N TYR D 53 20.76 25.72 -15.44
CA TYR D 53 21.18 24.91 -16.58
C TYR D 53 21.19 25.72 -17.88
N GLU D 54 20.21 26.60 -18.07
CA GLU D 54 20.19 27.47 -19.23
C GLU D 54 19.59 28.81 -18.81
N VAL D 55 20.41 29.84 -18.88
CA VAL D 55 19.93 31.21 -18.71
C VAL D 55 19.09 31.57 -19.93
N PRO D 56 17.96 32.25 -19.80
CA PRO D 56 17.17 32.56 -21.00
C PRO D 56 17.88 33.66 -21.77
N SER D 57 17.70 33.67 -23.09
CA SER D 57 18.27 34.75 -23.90
C SER D 57 17.14 35.72 -24.19
N LEU D 58 17.22 36.90 -23.61
CA LEU D 58 16.17 37.88 -23.71
C LEU D 58 16.41 38.78 -24.93
N LYS D 59 15.33 39.38 -25.40
CA LYS D 59 15.39 40.33 -26.51
C LYS D 59 15.54 41.76 -26.00
N TYR D 60 14.86 42.14 -24.93
CA TYR D 60 14.89 43.53 -24.46
C TYR D 60 15.66 43.76 -23.16
N ASN D 61 15.98 42.71 -22.40
CA ASN D 61 16.56 42.85 -21.07
C ASN D 61 15.71 43.80 -20.22
N GLN D 62 14.39 43.58 -20.28
CA GLN D 62 13.42 44.47 -19.67
C GLN D 62 12.21 43.66 -19.23
N ILE D 63 11.82 43.79 -17.97
CA ILE D 63 10.59 43.21 -17.41
C ILE D 63 9.72 44.36 -16.96
N ALA D 64 8.41 44.24 -17.17
CA ALA D 64 7.49 45.25 -16.66
C ALA D 64 6.85 44.72 -15.39
N LEU D 65 6.73 45.60 -14.39
CA LEU D 65 5.98 45.33 -13.17
C LEU D 65 4.73 46.21 -13.21
N ILE D 66 3.56 45.58 -13.19
CA ILE D 66 2.28 46.29 -13.34
C ILE D 66 1.48 46.13 -12.06
N HIS D 67 1.10 47.24 -11.45
CA HIS D 67 0.47 47.26 -10.14
C HIS D 67 -0.32 48.55 -9.98
N ASN D 68 -1.03 48.65 -8.84
CA ASN D 68 -1.79 49.84 -8.44
C ASN D 68 -1.47 50.25 -7.00
N ASN D 69 -0.17 50.24 -6.65
CA ASN D 69 0.31 50.69 -5.33
C ASN D 69 1.62 51.46 -5.55
N GLN D 70 1.52 52.57 -6.27
CA GLN D 70 2.69 53.23 -6.85
C GLN D 70 3.86 53.41 -5.88
N PHE D 71 3.67 54.23 -4.84
CA PHE D 71 4.73 54.52 -3.89
C PHE D 71 4.69 53.62 -2.67
N SER D 72 4.16 52.40 -2.81
CA SER D 72 4.14 51.45 -1.71
C SER D 72 5.57 51.02 -1.37
N SER D 73 5.84 50.91 -0.08
CA SER D 73 7.18 50.49 0.33
C SER D 73 7.40 49.01 0.07
N LEU D 74 6.33 48.22 0.05
CA LEU D 74 6.48 46.79 -0.15
C LEU D 74 6.60 46.43 -1.63
N ILE D 75 5.94 47.18 -2.52
CA ILE D 75 6.25 47.07 -3.94
C ILE D 75 7.73 47.36 -4.18
N ASN D 76 8.27 48.35 -3.46
CA ASN D 76 9.68 48.66 -3.64
C ASN D 76 10.57 47.57 -3.07
N GLN D 77 10.13 46.86 -2.03
CA GLN D 77 10.96 45.79 -1.51
C GLN D 77 10.83 44.54 -2.37
N LEU D 78 9.61 44.26 -2.83
CA LEU D 78 9.42 43.23 -3.84
C LEU D 78 10.37 43.43 -5.00
N LYS D 79 10.34 44.62 -5.61
CA LYS D 79 11.15 44.89 -6.78
C LYS D 79 12.63 44.74 -6.50
N SER D 80 13.07 45.11 -5.30
CA SER D 80 14.49 44.98 -4.98
C SER D 80 14.89 43.52 -4.84
N GLN D 81 14.05 42.70 -4.21
CA GLN D 81 14.37 41.28 -4.11
C GLN D 81 14.36 40.62 -5.49
N ILE D 82 13.39 40.96 -6.33
CA ILE D 82 13.34 40.41 -7.68
C ILE D 82 14.58 40.80 -8.45
N SER D 83 14.93 42.08 -8.42
CA SER D 83 16.08 42.56 -9.18
C SER D 83 17.36 41.87 -8.74
N SER D 84 17.55 41.71 -7.42
CA SER D 84 18.79 41.14 -6.92
C SER D 84 18.83 39.64 -7.17
N LYS D 85 17.69 38.96 -7.05
CA LYS D 85 17.74 37.51 -7.25
C LYS D 85 17.88 37.15 -8.73
N ILE D 86 17.24 37.89 -9.63
CA ILE D 86 17.38 37.60 -11.05
C ILE D 86 18.85 37.65 -11.45
N ASP D 87 19.60 38.56 -10.84
CA ASP D 87 21.01 38.75 -11.18
C ASP D 87 21.89 37.70 -10.52
N GLU D 88 21.70 37.45 -9.22
CA GLU D 88 22.70 36.68 -8.48
C GLU D 88 22.38 35.19 -8.42
N VAL D 89 21.11 34.83 -8.39
CA VAL D 89 20.73 33.43 -8.41
C VAL D 89 20.59 32.93 -9.84
N TRP D 90 19.88 33.68 -10.67
CA TRP D 90 19.54 33.23 -12.02
C TRP D 90 20.53 33.70 -13.07
N HIS D 91 21.50 34.55 -12.67
CA HIS D 91 22.58 34.98 -13.54
C HIS D 91 22.07 35.64 -14.82
N ILE D 92 20.93 36.32 -14.74
CA ILE D 92 20.41 37.14 -15.84
C ILE D 92 20.86 38.57 -15.55
N HIS D 93 21.94 39.01 -16.20
CA HIS D 93 22.55 40.30 -15.84
C HIS D 93 21.97 41.45 -16.65
N ASN D 94 21.96 42.63 -16.01
CA ASN D 94 21.67 43.90 -16.67
C ASN D 94 20.20 44.00 -17.07
N ILE D 95 19.30 43.46 -16.23
CA ILE D 95 17.85 43.57 -16.41
C ILE D 95 17.36 44.85 -15.78
N ASN D 96 16.50 45.57 -16.48
CA ASN D 96 15.81 46.72 -15.91
C ASN D 96 14.33 46.40 -15.72
N ILE D 97 13.76 46.87 -14.62
CA ILE D 97 12.36 46.65 -14.31
C ILE D 97 11.65 48.00 -14.39
N SER D 98 10.75 48.13 -15.36
CA SER D 98 9.91 49.30 -15.49
C SER D 98 8.57 49.05 -14.83
N GLU D 99 8.04 50.08 -14.18
CA GLU D 99 6.74 50.01 -13.52
C GLU D 99 5.68 50.67 -14.39
N PHE D 100 4.45 50.14 -14.29
CA PHE D 100 3.28 50.70 -14.96
C PHE D 100 2.16 50.65 -13.95
N ILE D 101 1.43 51.76 -13.80
CA ILE D 101 0.40 51.88 -12.78
C ILE D 101 -0.96 51.90 -13.48
N TYR D 102 -1.87 51.06 -13.01
CA TYR D 102 -3.25 51.12 -13.46
C TYR D 102 -4.11 51.75 -12.36
N ASP D 103 -5.11 52.51 -12.78
CA ASP D 103 -5.92 53.28 -11.82
C ASP D 103 -7.00 52.42 -11.19
N SER D 104 -7.69 51.59 -11.97
CA SER D 104 -8.75 50.76 -11.45
C SER D 104 -8.42 49.28 -11.63
N PRO D 105 -8.73 48.41 -10.65
CA PRO D 105 -8.56 46.98 -10.84
C PRO D 105 -9.68 46.30 -11.63
N HIS D 106 -9.94 46.86 -12.82
CA HIS D 106 -10.86 46.27 -13.78
C HIS D 106 -10.11 45.91 -15.05
N PHE D 107 -10.67 44.95 -15.80
CA PHE D 107 -10.00 44.43 -16.99
C PHE D 107 -9.52 45.56 -17.90
N ASP D 108 -10.43 46.45 -18.29
CA ASP D 108 -10.08 47.48 -19.26
C ASP D 108 -8.87 48.28 -18.79
N SER D 109 -8.88 48.71 -17.52
CA SER D 109 -7.81 49.55 -17.00
C SER D 109 -6.49 48.79 -16.94
N ILE D 110 -6.53 47.52 -16.53
CA ILE D 110 -5.30 46.75 -16.42
C ILE D 110 -4.77 46.43 -17.81
N LYS D 111 -5.66 46.10 -18.74
CA LYS D 111 -5.26 45.77 -20.10
C LYS D 111 -4.52 46.93 -20.77
N SER D 112 -4.92 48.17 -20.48
CA SER D 112 -4.24 49.34 -21.06
C SER D 112 -2.78 49.40 -20.63
N GLN D 113 -2.51 49.10 -19.36
CA GLN D 113 -1.14 49.12 -18.92
C GLN D 113 -0.37 47.94 -19.51
N VAL D 114 -1.02 46.77 -19.57
CA VAL D 114 -0.40 45.62 -20.23
C VAL D 114 0.00 45.99 -21.65
N ASP D 115 -0.93 46.62 -22.39
CA ASP D 115 -0.65 47.02 -23.77
C ASP D 115 0.42 48.09 -23.83
N ASN D 116 0.37 49.04 -22.89
CA ASN D 116 1.44 50.03 -22.80
C ASN D 116 2.79 49.35 -22.64
N ALA D 117 2.87 48.36 -21.74
CA ALA D 117 4.14 47.68 -21.49
C ALA D 117 4.62 46.93 -22.73
N ILE D 118 3.72 46.20 -23.40
CA ILE D 118 4.11 45.42 -24.57
C ILE D 118 4.68 46.31 -25.67
N ASP D 119 4.06 47.47 -25.90
CA ASP D 119 4.55 48.33 -26.98
C ASP D 119 5.89 48.99 -26.63
N THR D 120 6.26 49.08 -25.35
CA THR D 120 7.58 49.60 -25.03
C THR D 120 8.67 48.58 -25.27
N GLY D 121 8.31 47.30 -25.39
CA GLY D 121 9.28 46.23 -25.63
C GLY D 121 9.76 45.66 -24.30
N VAL D 122 9.12 44.58 -23.83
CA VAL D 122 9.50 43.92 -22.58
C VAL D 122 9.55 42.43 -22.87
N ASP D 123 10.37 41.72 -22.10
CA ASP D 123 10.45 40.27 -22.25
C ASP D 123 9.40 39.53 -21.44
N GLY D 124 8.87 40.15 -20.40
CA GLY D 124 7.89 39.50 -19.55
C GLY D 124 7.20 40.55 -18.72
N ILE D 125 6.03 40.18 -18.19
CA ILE D 125 5.20 41.06 -17.38
C ILE D 125 4.96 40.39 -16.03
N MET D 126 5.18 41.14 -14.96
CA MET D 126 4.81 40.72 -13.62
C MET D 126 3.62 41.57 -13.23
N LEU D 127 2.48 40.91 -12.97
CA LEU D 127 1.22 41.62 -12.83
C LEU D 127 0.72 41.43 -11.41
N VAL D 128 0.64 42.53 -10.64
CA VAL D 128 0.15 42.49 -9.26
C VAL D 128 -1.34 42.80 -9.24
N LEU D 129 -2.16 41.82 -8.82
CA LEU D 129 -3.58 42.03 -8.61
C LEU D 129 -3.84 42.35 -7.13
N PRO D 130 -4.89 43.14 -6.86
CA PRO D 130 -5.16 43.57 -5.48
C PRO D 130 -5.85 42.50 -4.62
N GLU D 131 -6.73 41.70 -5.21
CA GLU D 131 -7.53 40.78 -4.43
C GLU D 131 -7.90 39.57 -5.27
N TYR D 132 -8.48 38.57 -4.60
CA TYR D 132 -9.00 37.38 -5.26
C TYR D 132 -10.16 37.78 -6.18
N ASN D 133 -10.02 37.49 -7.47
CA ASN D 133 -11.02 37.86 -8.46
C ASN D 133 -10.86 36.89 -9.62
N THR D 134 -11.55 35.76 -9.51
CA THR D 134 -11.35 34.67 -10.46
C THR D 134 -11.66 35.06 -11.90
N PRO D 135 -12.80 35.69 -12.22
CA PRO D 135 -13.02 36.07 -13.62
C PRO D 135 -11.98 37.03 -14.15
N LEU D 136 -11.60 38.03 -13.36
CA LEU D 136 -10.59 39.00 -13.81
C LEU D 136 -9.24 38.31 -14.00
N TYR D 137 -8.93 37.36 -13.13
CA TYR D 137 -7.65 36.64 -13.22
C TYR D 137 -7.59 35.82 -14.50
N TYR D 138 -8.63 35.03 -14.77
CA TYR D 138 -8.56 34.17 -15.93
C TYR D 138 -8.67 34.97 -17.24
N LYS D 139 -9.38 36.10 -17.22
CA LYS D 139 -9.45 36.91 -18.42
C LYS D 139 -8.09 37.50 -18.74
N LEU D 140 -7.39 38.02 -17.73
CA LEU D 140 -6.08 38.62 -17.91
C LEU D 140 -5.02 37.56 -18.18
N LYS D 141 -5.09 36.43 -17.47
CA LYS D 141 -4.09 35.38 -17.68
C LYS D 141 -4.15 34.84 -19.10
N SER D 142 -5.36 34.59 -19.61
CA SER D 142 -5.47 34.09 -20.98
C SER D 142 -5.02 35.15 -21.99
N TYR D 143 -5.26 36.43 -21.71
CA TYR D 143 -4.75 37.47 -22.59
C TYR D 143 -3.22 37.44 -22.62
N LEU D 144 -2.61 37.36 -21.43
CA LEU D 144 -1.15 37.37 -21.34
C LEU D 144 -0.53 36.13 -21.95
N ILE D 145 -1.15 34.96 -21.76
CA ILE D 145 -0.62 33.72 -22.36
C ILE D 145 -0.52 33.85 -23.87
N ASN D 146 -1.49 34.50 -24.47
CA ASN D 146 -1.50 34.78 -25.91
C ASN D 146 -0.60 35.95 -26.31
N SER D 147 0.13 36.54 -25.37
CA SER D 147 0.84 37.79 -25.68
C SER D 147 2.32 37.69 -25.32
N ILE D 148 2.64 37.26 -24.09
CA ILE D 148 3.98 37.50 -23.54
C ILE D 148 4.15 36.75 -22.21
N PRO D 149 5.32 36.19 -21.89
CA PRO D 149 5.44 35.43 -20.65
C PRO D 149 5.06 36.30 -19.47
N SER D 150 4.37 35.71 -18.49
CA SER D 150 3.82 36.53 -17.42
C SER D 150 3.79 35.75 -16.11
N GLN D 151 3.77 36.52 -15.03
CA GLN D 151 3.70 35.99 -13.68
C GLN D 151 2.74 36.86 -12.88
N PHE D 152 1.68 36.27 -12.35
CA PHE D 152 0.76 37.03 -11.53
C PHE D 152 1.22 37.02 -10.08
N MET D 153 0.78 38.04 -9.33
CA MET D 153 1.01 38.19 -7.90
C MET D 153 -0.24 38.79 -7.25
N ARG D 154 -0.51 38.41 -6.01
CA ARG D 154 -1.60 38.98 -5.22
C ARG D 154 -1.02 39.89 -4.14
N TYR D 155 -1.40 41.17 -4.17
CA TYR D 155 -0.89 42.12 -3.20
C TYR D 155 -1.46 41.86 -1.80
N ASP D 156 -2.71 41.40 -1.70
CA ASP D 156 -3.26 41.08 -0.39
C ASP D 156 -2.54 39.90 0.26
N ILE D 157 -2.06 38.95 -0.53
CA ILE D 157 -1.36 37.78 0.07
C ILE D 157 0.10 38.15 0.34
N LEU D 158 0.66 39.00 -0.50
CA LEU D 158 2.08 39.39 -0.40
C LEU D 158 2.39 40.01 0.96
N SER D 159 1.50 40.87 1.45
CA SER D 159 1.72 41.59 2.70
C SER D 159 2.07 40.65 3.84
N ASN D 160 1.14 39.78 4.20
CA ASN D 160 1.33 38.85 5.32
C ASN D 160 2.08 37.60 4.86
N ARG D 161 3.29 37.81 4.37
CA ARG D 161 4.07 36.72 3.77
C ARG D 161 5.56 37.02 3.90
N ASN D 162 6.34 35.97 4.18
CA ASN D 162 7.79 36.12 4.14
C ASN D 162 8.23 36.36 2.69
N LEU D 163 8.77 37.55 2.44
CA LEU D 163 9.05 37.96 1.07
C LEU D 163 10.08 37.05 0.40
N THR D 164 11.13 36.64 1.13
CA THR D 164 12.24 35.96 0.48
C THR D 164 11.80 34.61 -0.09
N PHE D 165 11.04 33.83 0.70
CA PHE D 165 10.50 32.59 0.17
C PHE D 165 9.51 32.85 -0.97
N TYR D 166 8.80 33.98 -0.90
CA TYR D 166 7.86 34.34 -1.94
C TYR D 166 8.58 34.56 -3.28
N VAL D 167 9.52 35.49 -3.30
CA VAL D 167 10.24 35.79 -4.53
C VAL D 167 11.11 34.62 -4.98
N ASP D 168 11.70 33.88 -4.03
CA ASP D 168 12.50 32.70 -4.40
C ASP D 168 11.71 31.77 -5.32
N ASN D 169 10.58 31.27 -4.84
CA ASN D 169 9.86 30.29 -5.64
C ASN D 169 9.23 30.93 -6.86
N LEU D 170 8.78 32.18 -6.72
CA LEU D 170 8.20 32.93 -7.83
C LEU D 170 9.12 32.95 -9.05
N LEU D 171 10.43 33.15 -8.84
CA LEU D 171 11.33 33.29 -9.98
C LEU D 171 11.66 31.97 -10.65
N VAL D 172 11.52 30.83 -9.96
CA VAL D 172 11.72 29.55 -10.63
C VAL D 172 10.78 29.44 -11.81
N GLN D 173 9.50 29.75 -11.60
CA GLN D 173 8.57 29.56 -12.69
C GLN D 173 8.61 30.71 -13.68
N PHE D 174 8.83 31.94 -13.23
CA PHE D 174 8.93 33.07 -14.16
C PHE D 174 10.16 32.92 -15.07
N VAL D 175 11.32 32.51 -14.54
CA VAL D 175 12.46 32.30 -15.41
C VAL D 175 12.18 31.18 -16.41
N SER D 176 11.43 30.15 -16.00
CA SER D 176 11.07 29.08 -16.93
C SER D 176 10.13 29.57 -18.02
N LYS D 177 9.13 30.37 -17.66
CA LYS D 177 8.20 30.95 -18.64
C LYS D 177 8.94 31.85 -19.63
N LEU D 178 10.05 32.43 -19.22
CA LEU D 178 10.88 33.22 -20.12
C LEU D 178 11.77 32.37 -21.01
N GLY D 179 11.72 31.05 -20.91
CA GLY D 179 12.54 30.18 -21.72
C GLY D 179 13.79 29.66 -21.05
N GLY D 180 14.04 30.02 -19.80
CA GLY D 180 15.19 29.45 -19.10
C GLY D 180 14.93 28.00 -18.70
N LYS D 181 16.01 27.30 -18.37
CA LYS D 181 15.90 25.93 -17.85
C LYS D 181 16.56 25.91 -16.48
N PRO D 182 15.78 26.00 -15.41
CA PRO D 182 16.41 26.11 -14.07
C PRO D 182 17.39 25.00 -13.78
N TRP D 183 17.00 23.74 -14.02
CA TRP D 183 17.82 22.57 -13.77
C TRP D 183 17.20 21.44 -14.57
N ILE D 184 18.02 20.43 -14.91
CA ILE D 184 17.52 19.21 -15.51
C ILE D 184 18.06 18.04 -14.71
N LEU D 185 17.46 16.88 -14.95
CA LEU D 185 17.94 15.66 -14.32
C LEU D 185 19.20 15.13 -14.99
N ASN D 186 20.17 14.68 -14.18
CA ASN D 186 21.27 13.88 -14.71
C ASN D 186 20.78 12.46 -14.86
N VAL D 187 20.73 11.97 -16.09
CA VAL D 187 20.28 10.62 -16.34
C VAL D 187 21.27 9.97 -17.31
N ASP D 188 21.24 8.64 -17.34
CA ASP D 188 22.13 7.88 -18.20
C ASP D 188 21.58 7.88 -19.62
N PRO D 189 22.30 8.42 -20.61
CA PRO D 189 21.78 8.40 -21.98
C PRO D 189 21.64 7.01 -22.57
N GLU D 190 22.25 6.00 -21.95
CA GLU D 190 22.08 4.62 -22.38
C GLU D 190 20.74 4.02 -21.93
N LYS D 191 20.11 4.62 -20.92
CA LYS D 191 18.90 4.07 -20.33
C LYS D 191 17.74 5.06 -20.48
N GLY D 192 16.56 4.52 -20.73
CA GLY D 192 15.36 5.33 -20.79
C GLY D 192 14.84 5.50 -22.21
N SER D 193 13.75 6.24 -22.30
CA SER D 193 13.15 6.54 -23.58
C SER D 193 13.89 7.68 -24.28
N ASP D 194 13.99 7.55 -25.61
CA ASP D 194 14.46 8.69 -26.41
C ASP D 194 13.54 9.89 -26.26
N ILE D 195 12.23 9.67 -26.38
CA ILE D 195 11.24 10.65 -25.96
C ILE D 195 10.13 9.97 -25.16
N ILE D 196 9.48 10.76 -24.32
CA ILE D 196 8.27 10.37 -23.61
C ILE D 196 7.16 11.33 -24.00
N ILE D 197 6.02 10.80 -24.42
CA ILE D 197 4.85 11.60 -24.78
C ILE D 197 3.81 11.47 -23.68
N GLY D 198 3.54 12.56 -22.97
CA GLY D 198 2.48 12.58 -21.98
C GLY D 198 1.22 12.90 -22.79
N THR D 199 0.21 12.04 -22.76
CA THR D 199 -0.97 12.30 -23.59
C THR D 199 -2.21 11.79 -22.86
N GLY D 200 -3.37 12.05 -23.46
CA GLY D 200 -4.65 11.73 -22.86
C GLY D 200 -5.63 12.88 -23.01
N ALA D 201 -6.55 13.01 -22.07
CA ALA D 201 -7.49 14.12 -22.08
C ALA D 201 -7.94 14.39 -20.66
N THR D 202 -8.51 15.56 -20.45
CA THR D 202 -9.05 15.92 -19.15
C THR D 202 -10.42 16.52 -19.34
N ARG D 203 -11.38 16.05 -18.55
CA ARG D 203 -12.71 16.66 -18.53
C ARG D 203 -12.63 18.02 -17.86
N ILE D 204 -13.31 19.01 -18.43
CA ILE D 204 -13.45 20.29 -17.75
C ILE D 204 -14.84 20.45 -17.18
N ASP D 205 -15.74 19.52 -17.45
CA ASP D 205 -17.06 19.41 -16.86
C ASP D 205 -17.55 18.01 -17.19
N ASN D 206 -18.86 17.79 -17.10
CA ASN D 206 -19.40 16.44 -17.24
C ASN D 206 -19.43 15.96 -18.69
N VAL D 207 -19.47 16.85 -19.68
CA VAL D 207 -19.48 16.42 -21.08
C VAL D 207 -18.20 16.83 -21.81
N ASN D 208 -17.65 18.00 -21.52
CA ASN D 208 -16.60 18.60 -22.35
C ASN D 208 -15.21 18.22 -21.84
N LEU D 209 -14.27 18.07 -22.79
CA LEU D 209 -12.89 17.81 -22.45
C LEU D 209 -12.00 18.42 -23.52
N PHE D 210 -10.68 18.34 -23.29
CA PHE D 210 -9.73 18.58 -24.35
C PHE D 210 -8.63 17.53 -24.27
N CYS D 211 -7.99 17.28 -25.40
CA CYS D 211 -6.89 16.33 -25.50
C CYS D 211 -5.58 17.09 -25.45
N PHE D 212 -4.54 16.44 -24.95
CA PHE D 212 -3.23 17.03 -24.88
C PHE D 212 -2.20 16.02 -25.35
N ALA D 213 -1.03 16.52 -25.76
CA ALA D 213 0.12 15.67 -26.05
C ALA D 213 1.35 16.54 -25.84
N MET D 214 2.30 16.01 -25.04
CA MET D 214 3.49 16.75 -24.64
C MET D 214 4.70 15.84 -24.78
N VAL D 215 5.70 16.28 -25.55
CA VAL D 215 6.91 15.51 -25.77
C VAL D 215 7.94 15.95 -24.73
N PHE D 216 8.52 14.98 -24.02
CA PHE D 216 9.54 15.22 -23.03
C PHE D 216 10.79 14.44 -23.39
N LYS D 217 11.94 15.03 -23.07
CA LYS D 217 13.21 14.34 -22.96
C LYS D 217 13.27 13.54 -21.66
N LYS D 218 14.11 12.49 -21.67
CA LYS D 218 14.24 11.69 -20.46
C LYS D 218 14.83 12.48 -19.30
N ASP D 219 15.41 13.65 -19.56
CA ASP D 219 15.90 14.48 -18.46
C ASP D 219 14.82 15.39 -17.90
N GLY D 220 13.60 15.29 -18.41
CA GLY D 220 12.47 16.00 -17.87
C GLY D 220 12.13 17.30 -18.58
N THR D 221 12.87 17.67 -19.61
N THR D 221 12.88 17.70 -19.59
CA THR D 221 12.63 18.92 -20.31
CA THR D 221 12.58 18.94 -20.28
C THR D 221 11.49 18.75 -21.31
C THR D 221 11.46 18.72 -21.27
N MET D 222 10.57 19.71 -21.33
CA MET D 222 9.47 19.69 -22.30
C MET D 222 9.96 20.23 -23.64
N LEU D 223 9.80 19.44 -24.69
CA LEU D 223 10.23 19.81 -26.04
C LEU D 223 9.11 20.42 -26.88
N TRP D 224 7.87 19.99 -26.68
CA TRP D 224 6.78 20.42 -27.56
C TRP D 224 5.48 20.07 -26.87
N ASN D 225 4.48 20.93 -27.05
CA ASN D 225 3.17 20.55 -26.55
C ASN D 225 2.08 21.01 -27.51
N GLU D 226 1.01 20.24 -27.55
CA GLU D 226 -0.17 20.60 -28.31
C GLU D 226 -1.40 20.23 -27.48
N ILE D 227 -2.49 20.98 -27.68
CA ILE D 227 -3.76 20.66 -27.08
C ILE D 227 -4.82 20.81 -28.16
N SER D 228 -5.90 20.03 -28.03
CA SER D 228 -7.04 20.11 -28.93
C SER D 228 -7.96 21.26 -28.51
N PRO D 229 -8.90 21.65 -29.38
CA PRO D 229 -10.02 22.46 -28.89
C PRO D 229 -10.80 21.69 -27.84
N ILE D 230 -11.58 22.43 -27.05
CA ILE D 230 -12.56 21.81 -26.17
C ILE D 230 -13.63 21.13 -27.03
N VAL D 231 -13.80 19.83 -26.84
CA VAL D 231 -14.75 19.00 -27.58
C VAL D 231 -15.57 18.19 -26.58
N THR D 232 -16.54 17.43 -27.09
CA THR D 232 -17.36 16.57 -26.24
C THR D 232 -16.78 15.17 -26.22
N SER D 233 -17.21 14.38 -25.24
CA SER D 233 -16.56 13.09 -24.99
C SER D 233 -16.67 12.16 -26.19
N SER D 234 -17.72 12.33 -27.00
CA SER D 234 -17.88 11.57 -28.23
C SER D 234 -16.78 11.82 -29.24
N GLU D 235 -16.13 12.99 -29.18
CA GLU D 235 -15.06 13.32 -30.11
C GLU D 235 -13.69 12.95 -29.55
N TYR D 236 -13.65 12.20 -28.45
CA TYR D 236 -12.39 12.02 -27.72
C TYR D 236 -11.35 11.33 -28.59
N LEU D 237 -11.64 10.13 -29.10
CA LEU D 237 -10.62 9.35 -29.79
C LEU D 237 -10.15 10.01 -31.08
N THR D 238 -11.04 10.73 -31.77
CA THR D 238 -10.63 11.43 -32.97
C THR D 238 -9.58 12.49 -32.66
N TYR D 239 -9.84 13.30 -31.64
CA TYR D 239 -8.89 14.35 -31.32
C TYR D 239 -7.64 13.85 -30.58
N LEU D 240 -7.72 12.69 -29.90
CA LEU D 240 -6.52 12.13 -29.29
C LEU D 240 -5.48 11.79 -30.35
N LYS D 241 -5.90 11.04 -31.37
CA LYS D 241 -4.98 10.69 -32.45
C LYS D 241 -4.44 11.95 -33.14
N SER D 242 -5.31 12.94 -33.37
N SER D 242 -5.32 12.93 -33.37
CA SER D 242 -4.87 14.13 -34.11
CA SER D 242 -4.91 14.14 -34.08
C SER D 242 -3.95 15.02 -33.27
C SER D 242 -3.92 14.96 -33.26
N THR D 243 -4.19 15.11 -31.97
CA THR D 243 -3.30 15.90 -31.11
C THR D 243 -1.92 15.25 -31.02
N ILE D 244 -1.87 13.92 -30.98
CA ILE D 244 -0.58 13.24 -30.89
C ILE D 244 0.18 13.38 -32.19
N LYS D 245 -0.50 13.18 -33.33
CA LYS D 245 0.20 13.36 -34.60
C LYS D 245 0.73 14.79 -34.73
N LYS D 246 -0.07 15.77 -34.30
CA LYS D 246 0.41 17.15 -34.30
C LYS D 246 1.68 17.32 -33.49
N VAL D 247 1.75 16.73 -32.28
CA VAL D 247 2.90 17.01 -31.41
C VAL D 247 4.16 16.35 -31.96
N VAL D 248 4.04 15.16 -32.53
CA VAL D 248 5.23 14.50 -33.07
C VAL D 248 5.70 15.18 -34.36
N TYR D 249 4.76 15.60 -35.22
CA TYR D 249 5.14 16.39 -36.40
C TYR D 249 5.88 17.66 -36.01
N GLY D 250 5.34 18.40 -35.04
CA GLY D 250 6.00 19.62 -34.60
C GLY D 250 7.36 19.35 -33.98
N PHE D 251 7.46 18.30 -33.16
CA PHE D 251 8.73 17.93 -32.57
C PHE D 251 9.74 17.53 -33.65
N LYS D 252 9.32 16.69 -34.60
CA LYS D 252 10.26 16.20 -35.60
C LYS D 252 10.69 17.29 -36.57
N LYS D 253 9.83 18.28 -36.80
CA LYS D 253 10.20 19.40 -37.66
C LYS D 253 11.28 20.26 -37.01
N SER D 254 11.29 20.36 -35.68
CA SER D 254 12.28 21.16 -34.98
C SER D 254 13.45 20.35 -34.45
N ASN D 255 13.40 19.02 -34.55
CA ASN D 255 14.52 18.15 -34.17
C ASN D 255 14.62 17.04 -35.19
N PRO D 256 14.92 17.38 -36.46
CA PRO D 256 14.88 16.35 -37.52
C PRO D 256 15.83 15.21 -37.28
N ASP D 257 16.97 15.44 -36.63
CA ASP D 257 17.96 14.41 -36.41
C ASP D 257 17.82 13.73 -35.05
N TRP D 258 16.67 13.87 -34.41
CA TRP D 258 16.43 13.18 -33.14
C TRP D 258 15.95 11.76 -33.46
N ASP D 259 16.75 10.77 -33.13
CA ASP D 259 16.42 9.38 -33.42
C ASP D 259 15.54 8.82 -32.32
N VAL D 260 14.34 8.41 -32.67
CA VAL D 260 13.39 7.87 -31.70
C VAL D 260 13.35 6.36 -31.93
N GLU D 261 14.23 5.65 -31.22
CA GLU D 261 14.21 4.20 -31.25
C GLU D 261 13.56 3.59 -30.01
N LYS D 262 13.45 4.33 -28.92
CA LYS D 262 12.72 3.91 -27.74
C LYS D 262 11.71 5.01 -27.39
N LEU D 263 10.44 4.64 -27.33
CA LEU D 263 9.35 5.59 -27.17
C LEU D 263 8.41 5.10 -26.09
N THR D 264 8.04 5.98 -25.19
CA THR D 264 7.10 5.66 -24.13
C THR D 264 5.99 6.69 -24.16
N LEU D 265 4.75 6.23 -24.02
CA LEU D 265 3.59 7.11 -23.87
C LEU D 265 3.06 6.99 -22.45
N HIS D 266 2.91 8.13 -21.76
CA HIS D 266 2.26 8.22 -20.45
C HIS D 266 0.85 8.78 -20.67
N VAL D 267 -0.16 7.94 -20.54
CA VAL D 267 -1.55 8.34 -20.70
C VAL D 267 -2.17 8.65 -19.35
N SER D 268 -2.77 9.83 -19.21
CA SER D 268 -3.36 10.23 -17.95
C SER D 268 -4.57 11.12 -18.18
N GLY D 269 -5.22 11.50 -17.09
CA GLY D 269 -6.30 12.46 -17.13
C GLY D 269 -7.66 11.80 -16.95
N LYS D 270 -8.57 12.53 -16.31
CA LYS D 270 -9.95 12.08 -16.13
C LYS D 270 -10.66 12.18 -17.48
N ARG D 271 -10.91 11.04 -18.10
CA ARG D 271 -11.26 10.99 -19.53
C ARG D 271 -12.27 9.86 -19.74
N PRO D 272 -12.87 9.79 -20.94
CA PRO D 272 -13.88 8.74 -21.15
C PRO D 272 -13.29 7.36 -20.94
N LYS D 273 -14.11 6.44 -20.43
CA LYS D 273 -13.63 5.11 -20.08
C LYS D 273 -13.85 4.18 -21.28
N MET D 274 -12.94 4.27 -22.23
CA MET D 274 -12.98 3.51 -23.48
C MET D 274 -11.59 2.90 -23.67
N LYS D 275 -11.16 2.11 -22.67
CA LYS D 275 -9.74 1.72 -22.60
C LYS D 275 -9.35 0.87 -23.80
N ASP D 276 -10.20 -0.08 -24.19
CA ASP D 276 -9.87 -0.93 -25.32
C ASP D 276 -9.81 -0.13 -26.61
N GLY D 277 -10.79 0.74 -26.85
CA GLY D 277 -10.72 1.59 -28.03
C GLY D 277 -9.53 2.53 -28.01
N GLU D 278 -9.22 3.12 -26.84
CA GLU D 278 -8.12 4.08 -26.75
C GLU D 278 -6.78 3.44 -27.06
N THR D 279 -6.52 2.27 -26.47
CA THR D 279 -5.26 1.58 -26.72
C THR D 279 -5.12 1.23 -28.20
N LYS D 280 -6.22 0.84 -28.85
CA LYS D 280 -6.12 0.51 -30.28
C LYS D 280 -5.74 1.75 -31.09
N ILE D 281 -6.32 2.90 -30.76
CA ILE D 281 -6.01 4.12 -31.50
C ILE D 281 -4.58 4.60 -31.21
N LEU D 282 -4.11 4.41 -29.98
CA LEU D 282 -2.72 4.76 -29.67
C LEU D 282 -1.75 3.85 -30.42
N LYS D 283 -2.00 2.55 -30.40
CA LYS D 283 -1.18 1.61 -31.16
C LYS D 283 -1.20 1.96 -32.65
N GLU D 284 -2.37 2.31 -33.18
CA GLU D 284 -2.45 2.71 -34.58
C GLU D 284 -1.62 3.95 -34.85
N THR D 285 -1.69 4.93 -33.95
CA THR D 285 -0.93 6.16 -34.13
C THR D 285 0.56 5.88 -34.24
N VAL D 286 1.09 5.04 -33.35
CA VAL D 286 2.52 4.74 -33.39
C VAL D 286 2.91 4.12 -34.74
N GLU D 287 2.07 3.21 -35.26
CA GLU D 287 2.46 2.54 -36.50
C GLU D 287 2.38 3.49 -37.70
N GLU D 288 1.38 4.38 -37.70
CA GLU D 288 1.33 5.46 -38.69
C GLU D 288 2.56 6.37 -38.58
N LEU D 289 2.95 6.75 -37.37
CA LEU D 289 4.17 7.54 -37.22
C LEU D 289 5.38 6.75 -37.69
N LYS D 290 5.37 5.43 -37.43
CA LYS D 290 6.42 4.57 -37.95
C LYS D 290 6.33 4.48 -39.47
N LYS D 291 5.12 4.48 -40.02
CA LYS D 291 4.95 4.54 -41.47
C LYS D 291 5.66 5.76 -42.04
N GLN D 292 5.45 6.93 -41.45
CA GLN D 292 5.98 8.19 -41.97
C GLN D 292 7.40 8.47 -41.51
N GLU D 293 8.10 7.48 -40.95
CA GLU D 293 9.48 7.62 -40.50
C GLU D 293 9.63 8.76 -39.50
N MET D 294 8.58 9.06 -38.74
CA MET D 294 8.69 9.98 -37.61
C MET D 294 9.48 9.35 -36.47
N VAL D 295 9.39 8.03 -36.35
CA VAL D 295 10.16 7.27 -35.37
C VAL D 295 10.88 6.16 -36.13
N SER D 296 11.77 5.46 -35.42
CA SER D 296 12.69 4.52 -36.03
C SER D 296 11.97 3.40 -36.77
N ARG D 297 12.74 2.67 -37.58
CA ARG D 297 12.22 1.54 -38.36
C ARG D 297 11.51 0.53 -37.45
N ASP D 298 12.23 -0.01 -36.48
CA ASP D 298 11.65 -0.93 -35.50
C ASP D 298 11.78 -0.28 -34.12
N VAL D 299 11.06 0.82 -33.93
CA VAL D 299 10.98 1.47 -32.63
C VAL D 299 10.40 0.49 -31.61
N LYS D 300 10.99 0.47 -30.42
CA LYS D 300 10.46 -0.26 -29.29
C LYS D 300 9.64 0.71 -28.45
N TYR D 301 8.38 0.38 -28.19
CA TYR D 301 7.52 1.31 -27.48
C TYR D 301 6.69 0.59 -26.45
N ALA D 302 6.21 1.36 -25.48
CA ALA D 302 5.22 0.90 -24.52
C ALA D 302 4.24 2.02 -24.24
N ILE D 303 2.97 1.66 -24.09
CA ILE D 303 1.90 2.58 -23.70
C ILE D 303 1.58 2.30 -22.23
N LEU D 304 1.66 3.34 -21.38
CA LEU D 304 1.43 3.20 -19.95
C LEU D 304 0.29 4.10 -19.51
N HIS D 305 -0.54 3.60 -18.60
CA HIS D 305 -1.55 4.43 -17.95
C HIS D 305 -1.04 4.80 -16.57
N LEU D 306 -0.95 6.10 -16.30
CA LEU D 306 -0.49 6.61 -15.01
C LEU D 306 -1.68 7.24 -14.30
N ASN D 307 -1.90 6.84 -13.05
CA ASN D 307 -3.07 7.29 -12.31
C ASN D 307 -2.65 7.59 -10.88
N GLU D 308 -2.92 8.81 -10.42
CA GLU D 308 -2.75 9.08 -9.00
C GLU D 308 -3.79 8.28 -8.22
N THR D 309 -3.38 7.74 -7.08
CA THR D 309 -4.33 6.98 -6.27
C THR D 309 -4.42 7.60 -4.88
N HIS D 310 -5.11 6.92 -3.98
N HIS D 310 -5.10 6.92 -3.98
CA HIS D 310 -5.38 7.44 -2.64
CA HIS D 310 -5.38 7.49 -2.67
C HIS D 310 -4.07 7.68 -1.89
C HIS D 310 -4.10 7.67 -1.89
N PRO D 311 -3.80 8.89 -1.42
CA PRO D 311 -2.61 9.10 -0.59
C PRO D 311 -2.70 8.35 0.73
N PHE D 312 -1.52 8.00 1.28
CA PHE D 312 -1.48 7.38 2.58
C PHE D 312 -0.26 7.87 3.34
N TRP D 313 -0.19 7.47 4.61
CA TRP D 313 0.89 7.89 5.50
C TRP D 313 1.50 6.66 6.15
N VAL D 314 2.83 6.55 6.06
CA VAL D 314 3.53 5.50 6.79
C VAL D 314 3.76 6.01 8.21
N MET D 315 3.34 5.22 9.20
CA MET D 315 3.46 5.62 10.62
C MET D 315 4.73 5.08 11.26
N PRO D 324 13.09 5.78 3.55
CA PRO D 324 13.14 4.34 3.32
C PRO D 324 12.21 3.91 2.17
N TYR D 325 11.49 4.88 1.61
CA TYR D 325 10.55 4.63 0.52
C TYR D 325 10.88 5.38 -0.76
N GLU D 326 11.91 6.22 -0.77
CA GLU D 326 12.24 6.97 -1.97
C GLU D 326 12.73 6.04 -3.06
N GLY D 327 12.01 6.01 -4.18
CA GLY D 327 12.36 5.15 -5.28
C GLY D 327 11.77 3.76 -5.19
N THR D 328 10.88 3.52 -4.24
CA THR D 328 10.34 2.18 -4.03
C THR D 328 9.30 1.85 -5.09
N LYS D 329 9.47 0.69 -5.72
CA LYS D 329 8.56 0.17 -6.73
C LYS D 329 7.81 -1.02 -6.18
N VAL D 330 6.50 -1.04 -6.39
CA VAL D 330 5.64 -2.11 -5.93
C VAL D 330 5.02 -2.78 -7.15
N LYS D 331 5.06 -4.10 -7.18
CA LYS D 331 4.43 -4.87 -8.23
C LYS D 331 3.13 -5.44 -7.68
N LEU D 332 2.01 -5.06 -8.31
CA LEU D 332 0.67 -5.54 -7.97
C LEU D 332 0.24 -6.71 -8.83
N SER D 333 0.73 -6.80 -10.06
CA SER D 333 0.45 -7.89 -10.99
C SER D 333 1.42 -7.73 -12.16
N SER D 334 1.29 -8.62 -13.16
CA SER D 334 2.29 -8.69 -14.22
C SER D 334 2.39 -7.40 -15.01
N LYS D 335 1.29 -6.67 -15.11
CA LYS D 335 1.24 -5.44 -15.90
C LYS D 335 0.92 -4.22 -15.06
N ARG D 336 0.82 -4.35 -13.74
CA ARG D 336 0.37 -3.25 -12.89
C ARG D 336 1.35 -3.05 -11.75
N TYR D 337 1.83 -1.81 -11.63
CA TYR D 337 2.82 -1.44 -10.65
C TYR D 337 2.36 -0.19 -9.91
N LEU D 338 3.05 0.11 -8.83
CA LEU D 338 2.77 1.28 -8.01
C LEU D 338 4.08 1.90 -7.59
N LEU D 339 4.17 3.21 -7.67
CA LEU D 339 5.36 3.94 -7.20
C LEU D 339 4.95 4.76 -5.98
N THR D 340 5.63 4.53 -4.87
CA THR D 340 5.38 5.27 -3.64
C THR D 340 6.21 6.55 -3.71
N LEU D 341 5.62 7.59 -4.30
CA LEU D 341 6.28 8.88 -4.44
C LEU D 341 6.19 9.65 -3.13
N LEU D 342 7.33 9.98 -2.53
CA LEU D 342 7.35 10.78 -1.31
C LEU D 342 7.16 12.26 -1.62
N GLN D 343 6.45 12.94 -0.73
CA GLN D 343 6.19 14.36 -0.88
C GLN D 343 7.01 15.24 0.08
N MET D 353 7.26 9.40 12.85
CA MET D 353 5.92 9.88 13.21
C MET D 353 4.95 9.68 12.04
N VAL D 354 5.28 10.27 10.88
CA VAL D 354 4.41 10.19 9.72
C VAL D 354 5.26 10.47 8.48
N THR D 355 4.99 9.71 7.42
CA THR D 355 5.62 9.93 6.12
C THR D 355 4.51 9.92 5.06
N PRO D 356 4.10 11.09 4.57
CA PRO D 356 3.03 11.10 3.56
C PRO D 356 3.53 10.56 2.23
N ILE D 357 2.69 9.72 1.62
CA ILE D 357 3.00 9.07 0.34
C ILE D 357 1.90 9.44 -0.65
N LYS D 358 2.30 9.85 -1.85
CA LYS D 358 1.40 10.08 -2.97
C LYS D 358 1.63 8.96 -3.98
N PRO D 359 0.90 7.87 -3.92
CA PRO D 359 1.22 6.74 -4.78
C PRO D 359 0.73 6.96 -6.20
N LEU D 360 1.53 6.46 -7.13
CA LEU D 360 1.23 6.56 -8.55
C LEU D 360 1.09 5.17 -9.12
N SER D 361 -0.08 4.87 -9.67
CA SER D 361 -0.33 3.61 -10.33
C SER D 361 0.19 3.68 -11.77
N VAL D 362 0.85 2.60 -12.21
CA VAL D 362 1.42 2.49 -13.55
C VAL D 362 0.99 1.14 -14.12
N GLU D 363 0.25 1.16 -15.21
CA GLU D 363 -0.16 -0.06 -15.88
C GLU D 363 0.41 -0.08 -17.29
N ILE D 364 1.03 -1.19 -17.66
CA ILE D 364 1.53 -1.38 -19.02
C ILE D 364 0.37 -1.92 -19.84
N VAL D 365 -0.23 -1.09 -20.69
CA VAL D 365 -1.38 -1.59 -21.44
C VAL D 365 -1.00 -2.13 -22.81
N SER D 366 0.20 -1.82 -23.31
CA SER D 366 0.65 -2.33 -24.60
C SER D 366 2.15 -2.07 -24.73
N ASP D 367 2.82 -2.96 -25.47
CA ASP D 367 4.25 -2.85 -25.74
C ASP D 367 4.59 -3.88 -26.81
N ASN D 368 5.65 -3.60 -27.57
CA ASN D 368 6.19 -4.57 -28.50
C ASN D 368 7.52 -5.13 -28.00
N TRP D 369 7.66 -5.25 -26.68
CA TRP D 369 8.88 -5.76 -26.09
C TRP D 369 8.94 -7.27 -26.19
N THR D 370 10.13 -7.80 -26.42
CA THR D 370 10.35 -9.23 -26.33
C THR D 370 10.31 -9.67 -24.86
N SER D 371 10.07 -10.96 -24.66
CA SER D 371 9.94 -11.47 -23.29
C SER D 371 11.28 -11.52 -22.58
N GLU D 372 12.39 -11.52 -23.32
CA GLU D 372 13.70 -11.56 -22.68
C GLU D 372 14.07 -10.21 -22.10
N GLU D 373 13.73 -9.12 -22.78
CA GLU D 373 14.03 -7.77 -22.34
C GLU D 373 12.93 -7.17 -21.48
N TYR D 374 11.86 -7.92 -21.21
CA TYR D 374 10.64 -7.32 -20.66
C TYR D 374 10.88 -6.73 -19.28
N TYR D 375 11.36 -7.56 -18.35
N TYR D 375 11.36 -7.54 -18.34
CA TYR D 375 11.57 -7.13 -16.98
CA TYR D 375 11.49 -7.01 -16.98
C TYR D 375 12.61 -6.01 -16.90
C TYR D 375 12.64 -6.02 -16.86
N HIS D 376 13.62 -6.08 -17.76
CA HIS D 376 14.60 -5.00 -17.81
C HIS D 376 13.95 -3.70 -18.27
N ASN D 377 13.09 -3.78 -19.29
CA ASN D 377 12.39 -2.59 -19.76
C ASN D 377 11.39 -2.08 -18.72
N VAL D 378 10.80 -2.98 -17.92
CA VAL D 378 9.92 -2.53 -16.85
C VAL D 378 10.70 -1.70 -15.82
N HIS D 379 11.90 -2.17 -15.44
CA HIS D 379 12.69 -1.41 -14.48
C HIS D 379 13.05 -0.05 -15.03
N GLU D 380 13.34 0.04 -16.33
CA GLU D 380 13.72 1.32 -16.90
C GLU D 380 12.55 2.30 -16.91
N ILE D 381 11.35 1.85 -17.30
CA ILE D 381 10.24 2.80 -17.41
C ILE D 381 9.78 3.26 -16.03
N LEU D 382 9.84 2.38 -15.03
CA LEU D 382 9.47 2.81 -13.67
C LEU D 382 10.52 3.74 -13.08
N ASP D 383 11.81 3.48 -13.33
CA ASP D 383 12.85 4.43 -12.94
C ASP D 383 12.60 5.79 -13.58
N GLU D 384 12.37 5.79 -14.90
CA GLU D 384 12.08 7.00 -15.65
C GLU D 384 10.95 7.80 -15.01
N ILE D 385 9.82 7.13 -14.73
CA ILE D 385 8.69 7.81 -14.08
C ILE D 385 9.10 8.44 -12.76
N TYR D 386 9.89 7.73 -11.95
CA TYR D 386 10.37 8.31 -10.70
C TYR D 386 11.26 9.53 -10.95
N TYR D 387 12.17 9.44 -11.93
CA TYR D 387 13.01 10.59 -12.26
C TYR D 387 12.16 11.79 -12.66
N LEU D 388 11.16 11.57 -13.51
CA LEU D 388 10.32 12.68 -13.96
C LEU D 388 9.52 13.31 -12.84
N SER D 389 9.30 12.57 -11.74
CA SER D 389 8.58 13.17 -10.62
C SER D 389 9.45 14.18 -9.87
N LYS D 390 10.74 14.28 -10.20
CA LYS D 390 11.62 15.27 -9.60
C LYS D 390 11.76 16.55 -10.43
N MET D 391 11.01 16.69 -11.53
CA MET D 391 11.38 17.69 -12.56
C MET D 391 10.43 18.86 -12.69
N ASN D 392 9.54 19.10 -11.73
CA ASN D 392 8.56 20.16 -11.87
C ASN D 392 9.18 21.52 -11.55
N TRP D 393 9.01 22.49 -12.47
CA TRP D 393 9.58 23.83 -12.32
C TRP D 393 8.59 24.83 -11.74
N ARG D 394 7.69 24.42 -10.86
CA ARG D 394 6.76 25.40 -10.32
C ARG D 394 7.33 26.18 -9.16
N GLY D 395 8.36 25.64 -8.52
CA GLY D 395 9.11 26.32 -7.48
C GLY D 395 10.22 25.38 -7.07
N PHE D 396 10.82 25.65 -5.91
CA PHE D 396 11.91 24.81 -5.44
C PHE D 396 11.44 23.53 -4.78
N ARG D 397 10.26 23.55 -4.17
CA ARG D 397 9.69 22.39 -3.50
C ARG D 397 8.39 22.00 -4.14
N SER D 398 8.44 21.57 -5.40
CA SER D 398 7.22 21.22 -6.10
C SER D 398 6.69 19.87 -5.61
N ARG D 399 5.42 19.62 -5.93
CA ARG D 399 4.86 18.29 -5.74
C ARG D 399 5.64 17.28 -6.56
N ASN D 400 5.94 16.14 -5.95
CA ASN D 400 6.66 15.05 -6.61
C ASN D 400 5.65 14.17 -7.34
N LEU D 401 5.35 14.53 -8.58
CA LEU D 401 4.45 13.77 -9.46
C LEU D 401 5.04 13.88 -10.85
N PRO D 402 5.04 12.82 -11.65
CA PRO D 402 5.71 12.87 -12.95
C PRO D 402 5.30 14.11 -13.73
N VAL D 403 6.28 14.82 -14.29
CA VAL D 403 5.98 15.99 -15.11
C VAL D 403 5.04 15.66 -16.28
N THR D 404 5.09 14.41 -16.78
CA THR D 404 4.20 13.99 -17.86
C THR D 404 2.74 13.97 -17.44
N VAL D 405 2.46 13.94 -16.15
CA VAL D 405 1.11 13.96 -15.62
C VAL D 405 0.76 15.32 -15.06
N ASN D 406 1.72 15.95 -14.39
CA ASN D 406 1.42 17.18 -13.68
C ASN D 406 1.30 18.37 -14.63
N TYR D 407 2.15 18.45 -15.65
CA TYR D 407 2.06 19.61 -16.54
C TYR D 407 0.72 19.59 -17.29
N PRO D 408 0.21 18.47 -17.78
CA PRO D 408 -1.14 18.50 -18.36
C PRO D 408 -2.21 18.91 -17.37
N LYS D 409 -2.03 18.61 -16.08
CA LYS D 409 -3.02 19.05 -15.10
C LYS D 409 -2.99 20.56 -14.93
N LEU D 410 -1.79 21.17 -14.98
CA LEU D 410 -1.73 22.63 -14.92
C LEU D 410 -2.40 23.25 -16.15
N VAL D 411 -2.17 22.66 -17.32
CA VAL D 411 -2.84 23.13 -18.53
C VAL D 411 -4.35 23.05 -18.36
N ALA D 412 -4.83 21.92 -17.83
CA ALA D 412 -6.28 21.72 -17.66
C ALA D 412 -6.91 22.80 -16.80
N GLY D 413 -6.23 23.18 -15.72
CA GLY D 413 -6.76 24.21 -14.85
C GLY D 413 -7.00 25.51 -15.59
N ILE D 414 -6.05 25.90 -16.43
CA ILE D 414 -6.20 27.14 -17.19
C ILE D 414 -7.32 27.00 -18.22
N ILE D 415 -7.31 25.91 -18.98
CA ILE D 415 -8.31 25.75 -20.06
C ILE D 415 -9.72 25.71 -19.47
N ALA D 416 -9.93 24.88 -18.44
CA ALA D 416 -11.24 24.76 -17.78
C ALA D 416 -11.78 26.11 -17.33
N ASN D 417 -10.95 26.91 -16.65
CA ASN D 417 -11.44 28.17 -16.08
C ASN D 417 -11.58 29.27 -17.12
N VAL D 418 -10.74 29.26 -18.15
CA VAL D 418 -10.95 30.22 -19.23
C VAL D 418 -12.29 29.94 -19.92
N ASN D 419 -12.61 28.66 -20.12
CA ASN D 419 -13.93 28.35 -20.69
C ASN D 419 -15.05 28.67 -19.72
N ARG D 420 -14.81 28.52 -18.41
CA ARG D 420 -15.86 28.81 -17.43
C ARG D 420 -16.11 30.31 -17.27
N TYR D 421 -15.07 31.14 -17.28
CA TYR D 421 -15.22 32.57 -17.03
C TYR D 421 -15.05 33.42 -18.28
N GLY D 422 -14.89 32.81 -19.44
CA GLY D 422 -14.86 33.56 -20.69
C GLY D 422 -13.64 34.42 -20.93
N GLY D 423 -12.48 33.81 -21.04
CA GLY D 423 -11.26 34.50 -21.42
C GLY D 423 -10.92 34.30 -22.88
N TYR D 424 -9.67 34.60 -23.22
CA TYR D 424 -9.21 34.39 -24.59
C TYR D 424 -8.86 32.93 -24.80
N PRO D 425 -9.32 32.31 -25.87
CA PRO D 425 -8.94 30.91 -26.13
C PRO D 425 -7.45 30.81 -26.32
N ILE D 426 -6.89 29.72 -25.81
CA ILE D 426 -5.46 29.49 -25.86
C ILE D 426 -5.18 28.44 -26.93
N ASN D 427 -4.46 28.85 -27.97
CA ASN D 427 -4.24 28.07 -29.19
C ASN D 427 -2.76 27.87 -29.49
N PRO D 428 -2.13 26.81 -28.98
CA PRO D 428 -0.68 26.68 -29.19
C PRO D 428 -0.28 26.49 -30.63
N GLU D 429 -1.11 25.84 -31.45
CA GLU D 429 -0.71 25.58 -32.83
C GLU D 429 -0.42 26.89 -33.56
N GLY D 430 0.65 26.89 -34.36
CA GLY D 430 1.09 28.08 -35.04
C GLY D 430 1.97 29.01 -34.24
N ASN D 431 2.02 28.86 -32.91
CA ASN D 431 2.66 29.78 -32.01
C ASN D 431 3.85 29.09 -31.35
N ARG D 432 5.05 29.31 -31.89
CA ARG D 432 6.19 28.52 -31.41
C ARG D 432 6.47 28.77 -29.94
N SER D 433 6.25 30.01 -29.46
N SER D 433 6.26 30.01 -29.47
CA SER D 433 6.46 30.29 -28.05
CA SER D 433 6.46 30.29 -28.05
C SER D 433 5.54 29.46 -27.16
C SER D 433 5.56 29.42 -27.18
N LEU D 434 4.28 29.26 -27.56
CA LEU D 434 3.39 28.44 -26.76
C LEU D 434 3.72 26.96 -26.89
N GLN D 435 4.15 26.52 -28.08
CA GLN D 435 4.48 25.12 -28.27
C GLN D 435 5.75 24.71 -27.53
N THR D 436 6.67 25.64 -27.29
CA THR D 436 7.99 25.27 -26.78
C THR D 436 8.30 25.80 -25.38
N ASN D 437 7.38 26.49 -24.71
CA ASN D 437 7.66 27.03 -23.39
C ASN D 437 6.60 26.59 -22.40
N PRO D 438 6.96 26.48 -21.10
CA PRO D 438 5.97 26.08 -20.08
C PRO D 438 5.12 27.28 -19.65
N TRP D 439 4.26 27.72 -20.58
CA TRP D 439 3.37 28.85 -20.34
C TRP D 439 2.41 28.59 -19.20
N PHE D 440 2.24 27.34 -18.80
CA PHE D 440 1.19 26.93 -17.86
C PHE D 440 1.64 26.97 -16.40
N LEU D 441 2.90 27.31 -16.10
CA LEU D 441 3.40 27.27 -14.73
C LEU D 441 2.73 28.31 -13.78
MG MG G . -2.85 -30.22 12.20
MG MG H . -18.87 -31.83 20.14
CL CL I . 12.40 -42.67 2.21
C1 BME J . -1.52 -19.33 20.43
C2 BME J . -1.73 -19.80 21.85
O1 BME J . -0.74 -20.24 19.74
S2 BME J . -3.23 -20.76 22.14
C1 BME K . -29.62 -18.67 21.35
C2 BME K . -30.60 -19.58 20.59
O1 BME K . -28.64 -18.11 20.48
S2 BME K . -31.79 -18.73 19.50
C1 BME L . -9.40 12.13 16.01
C2 BME L . -9.70 11.18 14.86
O1 BME L . -10.00 11.63 17.19
S2 BME L . -11.31 10.34 15.02
C1 BME M . -10.73 -43.94 30.46
C2 BME M . -9.90 -45.17 30.06
O1 BME M . -11.13 -43.25 29.30
S2 BME M . -8.85 -45.74 31.41
C1 BME N . -26.45 -15.91 25.77
C2 BME N . -27.53 -15.62 24.73
O1 BME N . -25.30 -16.55 25.24
S2 BME N . -27.54 -13.94 24.00
C1 BME O . -20.84 -29.00 14.36
C2 BME O . -20.82 -27.55 13.96
O1 BME O . -19.55 -29.51 14.22
S2 BME O . -20.97 -26.58 15.46
C1 GOL P . 0.15 -0.29 -1.50
O1 GOL P . -1.23 -0.55 -1.30
C2 GOL P . 0.84 -0.26 -0.10
O2 GOL P . 0.14 0.52 0.81
C3 GOL P . 2.29 0.28 -0.37
O3 GOL P . 3.06 0.08 0.80
C1 GOL Q . -27.08 -27.13 12.03
O1 GOL Q . -26.60 -27.11 13.35
C2 GOL Q . -27.82 -28.44 11.75
O2 GOL Q . -28.55 -28.90 12.88
C3 GOL Q . -26.85 -29.49 11.27
O3 GOL Q . -25.99 -28.84 10.35
C1 GOL R . -16.38 -47.08 23.39
O1 GOL R . -15.86 -46.02 24.12
C2 GOL R . -17.63 -46.53 22.70
O2 GOL R . -17.79 -45.11 22.89
C3 GOL R . -17.45 -46.92 21.24
O3 GOL R . -18.75 -46.96 20.69
C1 GOL S . -11.36 -35.22 25.76
O1 GOL S . -10.18 -35.38 26.54
C2 GOL S . -11.34 -33.86 25.07
O2 GOL S . -10.57 -33.94 23.87
C3 GOL S . -12.78 -33.45 24.73
O3 GOL S . -13.23 -34.19 23.59
C1 GOL T . -5.24 -5.90 33.69
O1 GOL T . -5.97 -5.42 34.80
C2 GOL T . -4.59 -7.28 34.05
O2 GOL T . -5.51 -8.32 34.05
C3 GOL T . -3.38 -7.49 33.06
O3 GOL T . -3.84 -7.54 31.73
AS CAC U . -22.18 -40.55 12.13
O1 CAC U . -22.76 -39.22 13.08
O2 CAC U . -21.84 -41.93 13.13
C1 CAC U . -23.58 -41.04 10.83
C2 CAC U . -20.50 -40.06 11.26
K K V . -1.54 -46.06 7.75
MG MG W . 2.13 29.99 -11.57
C1 BME X . -14.71 24.66 -28.41
C2 BME X . -15.83 25.69 -28.27
O1 BME X . -13.63 25.23 -29.11
S2 BME X . -15.87 26.38 -26.60
C1 GOL Y . -8.21 26.75 -25.10
O1 GOL Y . -8.68 28.00 -24.76
C2 GOL Y . -8.99 26.18 -26.32
O2 GOL Y . -10.35 26.03 -26.06
C3 GOL Y . -8.28 24.81 -26.59
O3 GOL Y . -7.35 25.03 -27.62
C1 GOL Z . -1.90 27.03 -12.46
O1 GOL Z . -1.22 27.55 -13.62
C2 GOL Z . -3.34 26.46 -12.86
O2 GOL Z . -3.28 25.58 -13.89
C3 GOL Z . -3.91 25.74 -11.56
O3 GOL Z . -3.99 24.34 -11.82
AS CAC AA . -13.11 37.57 -24.43
O1 CAC AA . -14.31 38.66 -25.05
O2 CAC AA . -13.88 36.12 -23.86
C1 CAC AA . -11.85 37.05 -25.84
C2 CAC AA . -12.16 38.46 -22.97
#